data_6HY1
#
_entry.id   6HY1
#
_cell.length_a   199.870
_cell.length_b   135.000
_cell.length_c   48.570
_cell.angle_alpha   90.00
_cell.angle_beta   95.95
_cell.angle_gamma   90.00
#
_symmetry.space_group_name_H-M   'C 1 2 1'
#
loop_
_entity.id
_entity.type
_entity.pdbx_description
1 polymer 'Spermidine synthase'
2 non-polymer "N,N'-Bis(3-aminopropyl)-1,4-cyclohexanediamine"
3 non-polymer "5'-DEOXY-5'-METHYLTHIOADENOSINE"
4 non-polymer 2-(2-{2-[2-(2-METHOXY-ETHOXY)-ETHOXY]-ETHOXY}-ETHOXY)-ETHANOL
5 non-polymer GLYCEROL
6 non-polymer trans-N-(3-aminopropyl)cyclohexane-1,4-diamine
7 water water
#
_entity_poly.entity_id   1
_entity_poly.type   'polypeptide(L)'
_entity_poly.pdbx_seq_one_letter_code
;KKWFSEFSIMWPGQAFSLKIKKILYETKSKYQNVLVFESTTYGKVLVLDGVIQLTEKDEFAYHEMMTHVPMTVSKEPKNV
LVVGGGDGGIIRELCKYKSVENIDICEIDETVIEVSKIYFKNISCGYEDKRVNVFIEDASKFLENVTNTYDVIIVDSSDP
IGPAETLFNQNFYEKIYNALKPNGYCVAQCESLWIHVGTIKNMIGYAKKLFKKVEYANISIPTYPCGCIGILCCSKTDTG
LTKPNKKLESKEFADLKYYNYENHSAAFKLPAFLLKEIENI
;
_entity_poly.pdbx_strand_id   A,B,C
#
loop_
_chem_comp.id
_chem_comp.type
_chem_comp.name
_chem_comp.formula
1PG non-polymer 2-(2-{2-[2-(2-METHOXY-ETHOXY)-ETHOXY]-ETHOXY}-ETHOXY)-ETHANOL 'C11 H24 O6'
GOL non-polymer GLYCEROL 'C3 H8 O3'
GXQ non-polymer N,N'-Bis(3-aminopropyl)-1,4-cyclohexanediamine 'C12 H28 N4'
JFQ non-polymer trans-N-(3-aminopropyl)cyclohexane-1,4-diamine 'C9 H21 N3'
MTA non-polymer 5'-DEOXY-5'-METHYLTHIOADENOSINE 'C11 H15 N5 O3 S'
#
# COMPACT_ATOMS: atom_id res chain seq x y z
N LYS A 1 6.35 -19.73 -26.52
CA LYS A 1 5.22 -19.95 -25.60
C LYS A 1 5.43 -21.20 -24.74
N LYS A 2 5.14 -21.11 -23.44
CA LYS A 2 5.28 -22.26 -22.55
C LYS A 2 3.96 -23.01 -22.45
N TRP A 3 4.02 -24.19 -21.82
CA TRP A 3 2.88 -25.07 -21.62
C TRP A 3 2.63 -25.27 -20.13
N PHE A 4 1.36 -25.36 -19.75
CA PHE A 4 0.98 -25.81 -18.43
C PHE A 4 0.70 -27.30 -18.48
N SER A 5 1.22 -28.06 -17.51
CA SER A 5 1.01 -29.52 -17.49
C SER A 5 0.42 -29.97 -16.17
N GLU A 6 -0.64 -30.77 -16.22
CA GLU A 6 -1.34 -31.24 -15.03
C GLU A 6 -0.83 -32.63 -14.67
N PHE A 7 0.13 -32.70 -13.75
CA PHE A 7 0.65 -33.97 -13.21
C PHE A 7 0.08 -34.18 -11.81
N SER A 8 -0.19 -35.44 -11.45
CA SER A 8 -0.68 -35.66 -10.09
C SER A 8 -0.49 -37.12 -9.69
N ILE A 9 -0.14 -37.34 -8.42
CA ILE A 9 -0.19 -38.70 -7.88
C ILE A 9 -1.60 -39.28 -7.94
N MET A 10 -2.61 -38.43 -8.12
CA MET A 10 -3.98 -38.91 -8.20
C MET A 10 -4.29 -39.59 -9.53
N TRP A 11 -3.48 -39.34 -10.56
CA TRP A 11 -3.60 -40.01 -11.85
C TRP A 11 -2.18 -40.26 -12.36
N PRO A 12 -1.45 -41.16 -11.72
CA PRO A 12 -0.03 -41.37 -12.09
C PRO A 12 0.12 -41.82 -13.53
N GLY A 13 1.22 -41.38 -14.15
CA GLY A 13 1.57 -41.90 -15.47
C GLY A 13 0.91 -41.24 -16.63
N GLN A 14 0.06 -40.22 -16.42
CA GLN A 14 -0.59 -39.54 -17.51
C GLN A 14 -0.57 -38.05 -17.19
N ALA A 15 -0.68 -37.23 -18.21
CA ALA A 15 -0.77 -35.79 -17.97
C ALA A 15 -1.44 -35.11 -19.14
N PHE A 16 -2.18 -34.04 -18.88
CA PHE A 16 -2.80 -33.25 -19.93
C PHE A 16 -2.14 -31.89 -19.87
N SER A 17 -1.90 -31.26 -21.03
CA SER A 17 -1.19 -29.99 -21.10
C SER A 17 -1.94 -29.01 -22.00
N LEU A 18 -1.85 -27.71 -21.63
CA LEU A 18 -2.48 -26.62 -22.36
C LEU A 18 -1.39 -25.59 -22.63
N LYS A 19 -1.36 -25.11 -23.87
CA LYS A 19 -0.41 -24.07 -24.22
C LYS A 19 -0.83 -22.75 -23.56
N ILE A 20 0.15 -22.01 -23.01
CA ILE A 20 -0.10 -20.77 -22.28
C ILE A 20 0.06 -19.58 -23.22
N LYS A 21 -1.02 -18.81 -23.39
CA LYS A 21 -0.92 -17.50 -24.05
C LYS A 21 -0.32 -16.45 -23.10
N LYS A 22 -0.87 -16.33 -21.89
CA LYS A 22 -0.36 -15.37 -20.91
C LYS A 22 -0.70 -15.82 -19.50
N ILE A 23 0.26 -15.75 -18.56
CA ILE A 23 -0.08 -15.92 -17.14
C ILE A 23 -0.75 -14.65 -16.63
N LEU A 24 -1.88 -14.78 -15.94
CA LEU A 24 -2.65 -13.64 -15.44
C LEU A 24 -2.49 -13.37 -13.96
N TYR A 25 -2.39 -14.40 -13.12
CA TYR A 25 -2.36 -14.21 -11.67
C TYR A 25 -1.86 -15.48 -10.99
N GLU A 26 -1.02 -15.32 -9.96
CA GLU A 26 -0.61 -16.45 -9.12
C GLU A 26 -0.49 -16.00 -7.68
N THR A 27 -0.86 -16.87 -6.75
CA THR A 27 -0.66 -16.58 -5.34
C THR A 27 -0.75 -17.86 -4.54
N LYS A 28 -0.15 -17.84 -3.36
CA LYS A 28 -0.36 -18.87 -2.35
C LYS A 28 -1.37 -18.33 -1.35
N SER A 29 -2.59 -18.88 -1.39
CA SER A 29 -3.59 -18.43 -0.44
C SER A 29 -3.36 -19.12 0.90
N LYS A 30 -4.26 -18.88 1.84
CA LYS A 30 -4.22 -19.57 3.13
C LYS A 30 -4.34 -21.08 2.96
N TYR A 31 -4.94 -21.54 1.88
CA TYR A 31 -5.24 -22.95 1.71
C TYR A 31 -4.55 -23.62 0.54
N GLN A 32 -4.23 -22.90 -0.53
CA GLN A 32 -3.80 -23.59 -1.74
C GLN A 32 -3.09 -22.63 -2.70
N ASN A 33 -2.34 -23.22 -3.62
CA ASN A 33 -1.71 -22.46 -4.68
C ASN A 33 -2.72 -22.18 -5.78
N VAL A 34 -2.81 -20.92 -6.19
CA VAL A 34 -3.79 -20.44 -7.15
C VAL A 34 -3.05 -19.98 -8.39
N LEU A 35 -3.49 -20.44 -9.56
CA LEU A 35 -2.92 -20.01 -10.83
C LEU A 35 -4.04 -19.71 -11.81
N VAL A 36 -3.97 -18.55 -12.47
CA VAL A 36 -4.89 -18.17 -13.54
C VAL A 36 -4.09 -17.85 -14.79
N PHE A 37 -4.49 -18.44 -15.93
CA PHE A 37 -3.78 -18.09 -17.15
C PHE A 37 -4.75 -18.13 -18.33
N GLU A 38 -4.42 -17.37 -19.35
CA GLU A 38 -5.13 -17.47 -20.62
C GLU A 38 -4.44 -18.53 -21.47
N SER A 39 -5.16 -19.59 -21.79
CA SER A 39 -4.64 -20.60 -22.69
C SER A 39 -4.79 -20.13 -24.14
N THR A 40 -4.11 -20.81 -25.07
CA THR A 40 -4.27 -20.42 -26.48
C THR A 40 -5.57 -20.90 -27.10
N THR A 41 -6.15 -22.01 -26.64
CA THR A 41 -7.34 -22.53 -27.31
C THR A 41 -8.49 -22.87 -26.38
N TYR A 42 -8.30 -22.87 -25.06
CA TYR A 42 -9.40 -23.15 -24.12
C TYR A 42 -9.83 -21.92 -23.33
N GLY A 43 -9.38 -20.73 -23.72
CA GLY A 43 -9.74 -19.53 -22.94
C GLY A 43 -8.99 -19.47 -21.61
N LYS A 44 -9.58 -18.76 -20.65
CA LYS A 44 -8.92 -18.64 -19.35
C LYS A 44 -9.11 -19.88 -18.51
N VAL A 45 -8.11 -20.17 -17.68
CA VAL A 45 -8.00 -21.43 -16.95
C VAL A 45 -7.73 -21.11 -15.49
N LEU A 46 -8.45 -21.76 -14.59
CA LEU A 46 -8.21 -21.67 -13.15
C LEU A 46 -7.60 -22.99 -12.68
N VAL A 47 -6.48 -22.88 -11.95
CA VAL A 47 -5.72 -24.02 -11.45
C VAL A 47 -5.55 -23.88 -9.94
N LEU A 48 -5.85 -24.95 -9.20
CA LEU A 48 -5.64 -24.97 -7.75
C LEU A 48 -4.74 -26.15 -7.41
N ASP A 49 -3.62 -25.88 -6.74
CA ASP A 49 -2.63 -26.91 -6.39
C ASP A 49 -2.25 -27.75 -7.61
N GLY A 50 -2.04 -27.08 -8.74
CA GLY A 50 -1.60 -27.78 -9.93
C GLY A 50 -2.68 -28.52 -10.69
N VAL A 51 -3.94 -28.45 -10.26
CA VAL A 51 -5.05 -29.23 -10.85
C VAL A 51 -6.02 -28.27 -11.52
N ILE A 52 -6.36 -28.55 -12.77
CA ILE A 52 -7.28 -27.68 -13.51
C ILE A 52 -8.65 -27.75 -12.85
N GLN A 53 -9.17 -26.58 -12.45
CA GLN A 53 -10.54 -26.50 -11.93
C GLN A 53 -11.55 -26.17 -13.02
N LEU A 54 -11.19 -25.32 -13.97
CA LEU A 54 -12.14 -25.03 -15.04
C LEU A 54 -11.41 -24.34 -16.16
N THR A 55 -12.00 -24.39 -17.34
CA THR A 55 -11.62 -23.52 -18.44
C THR A 55 -12.86 -22.91 -19.04
N GLU A 56 -12.70 -21.74 -19.68
CA GLU A 56 -13.86 -21.07 -20.26
C GLU A 56 -14.51 -21.90 -21.37
N LYS A 57 -13.72 -22.72 -22.06
CA LYS A 57 -14.25 -23.41 -23.23
C LYS A 57 -15.23 -24.51 -22.85
N ASP A 58 -14.98 -25.23 -21.74
CA ASP A 58 -15.81 -26.38 -21.47
C ASP A 58 -16.51 -26.39 -20.12
N GLU A 59 -16.40 -25.33 -19.31
CA GLU A 59 -16.93 -25.43 -17.95
C GLU A 59 -18.45 -25.62 -17.94
N PHE A 60 -19.14 -25.16 -18.98
CA PHE A 60 -20.61 -25.30 -19.03
C PHE A 60 -21.06 -26.76 -18.93
N ALA A 61 -20.23 -27.71 -19.39
CA ALA A 61 -20.66 -29.10 -19.36
C ALA A 61 -20.81 -29.56 -17.92
N TYR A 62 -19.82 -29.24 -17.10
CA TYR A 62 -19.81 -29.65 -15.71
C TYR A 62 -20.85 -28.85 -14.90
N HIS A 63 -20.84 -27.53 -15.06
CA HIS A 63 -21.77 -26.73 -14.24
C HIS A 63 -23.22 -26.99 -14.60
N GLU A 64 -23.54 -27.15 -15.90
CA GLU A 64 -24.94 -27.46 -16.25
C GLU A 64 -25.36 -28.83 -15.77
N MET A 65 -24.52 -29.87 -15.91
CA MET A 65 -24.99 -31.19 -15.52
C MET A 65 -25.10 -31.30 -14.00
N MET A 66 -24.14 -30.71 -13.27
CA MET A 66 -24.18 -30.76 -11.81
C MET A 66 -25.40 -30.02 -11.25
N THR A 67 -25.84 -28.96 -11.91
CA THR A 67 -26.93 -28.14 -11.41
C THR A 67 -28.28 -28.67 -11.87
N HIS A 68 -28.41 -28.90 -13.16
CA HIS A 68 -29.75 -29.13 -13.70
C HIS A 68 -30.23 -30.55 -13.56
N VAL A 69 -29.33 -31.51 -13.33
CA VAL A 69 -29.78 -32.85 -12.99
C VAL A 69 -30.62 -32.77 -11.70
N PRO A 70 -30.08 -32.28 -10.57
CA PRO A 70 -30.91 -32.24 -9.36
C PRO A 70 -32.00 -31.18 -9.39
N MET A 71 -31.78 -30.04 -10.08
CA MET A 71 -32.77 -28.96 -10.04
C MET A 71 -33.99 -29.23 -10.93
N THR A 72 -33.88 -30.14 -11.91
CA THR A 72 -35.08 -30.57 -12.65
C THR A 72 -35.75 -31.76 -12.00
N VAL A 73 -35.16 -32.37 -10.98
CA VAL A 73 -35.83 -33.48 -10.28
C VAL A 73 -36.56 -32.99 -9.04
N SER A 74 -35.90 -32.19 -8.21
CA SER A 74 -36.60 -31.46 -7.14
C SER A 74 -37.77 -30.66 -7.71
N LYS A 75 -38.94 -30.75 -7.08
CA LYS A 75 -40.09 -30.15 -7.76
C LYS A 75 -40.18 -28.64 -7.55
N GLU A 76 -40.06 -28.15 -6.32
CA GLU A 76 -40.12 -26.72 -6.07
C GLU A 76 -39.00 -26.34 -5.14
N PRO A 77 -37.76 -26.44 -5.59
CA PRO A 77 -36.62 -26.18 -4.68
C PRO A 77 -36.59 -24.72 -4.27
N LYS A 78 -36.51 -24.50 -2.97
CA LYS A 78 -36.52 -23.13 -2.43
C LYS A 78 -35.19 -22.68 -1.86
N ASN A 79 -34.45 -23.59 -1.23
CA ASN A 79 -33.21 -23.26 -0.54
C ASN A 79 -32.17 -24.27 -1.01
N VAL A 80 -31.09 -23.78 -1.56
CA VAL A 80 -30.05 -24.61 -2.16
C VAL A 80 -28.72 -24.22 -1.55
N LEU A 81 -27.88 -25.21 -1.24
CA LEU A 81 -26.53 -25.01 -0.73
C LEU A 81 -25.53 -25.49 -1.77
N VAL A 82 -24.54 -24.66 -2.07
CA VAL A 82 -23.37 -25.09 -2.84
C VAL A 82 -22.22 -25.24 -1.86
N VAL A 83 -21.56 -26.40 -1.86
CA VAL A 83 -20.34 -26.60 -1.08
C VAL A 83 -19.15 -26.44 -2.02
N GLY A 84 -18.13 -25.68 -1.62
CA GLY A 84 -17.09 -25.35 -2.59
C GLY A 84 -17.61 -24.37 -3.62
N GLY A 85 -17.27 -24.59 -4.90
CA GLY A 85 -17.84 -23.78 -5.96
C GLY A 85 -17.52 -22.29 -5.92
N GLY A 86 -16.35 -21.93 -5.39
CA GLY A 86 -15.97 -20.52 -5.30
C GLY A 86 -15.97 -19.79 -6.64
N ASP A 87 -15.73 -20.50 -7.74
CA ASP A 87 -15.76 -19.82 -9.03
C ASP A 87 -17.14 -19.26 -9.40
N GLY A 88 -18.20 -19.82 -8.86
CA GLY A 88 -19.54 -19.31 -9.09
C GLY A 88 -20.32 -20.00 -10.20
N GLY A 89 -19.71 -20.96 -10.90
CA GLY A 89 -20.40 -21.61 -12.02
C GLY A 89 -21.72 -22.26 -11.63
N ILE A 90 -21.74 -22.98 -10.51
CA ILE A 90 -22.98 -23.60 -10.06
C ILE A 90 -23.99 -22.52 -9.71
N ILE A 91 -23.52 -21.47 -9.01
CA ILE A 91 -24.45 -20.37 -8.68
C ILE A 91 -25.05 -19.78 -9.94
N ARG A 92 -24.24 -19.59 -10.97
CA ARG A 92 -24.76 -19.02 -12.21
C ARG A 92 -25.93 -19.84 -12.75
N GLU A 93 -25.81 -21.18 -12.70
CA GLU A 93 -26.88 -22.01 -13.24
C GLU A 93 -28.08 -22.01 -12.32
N LEU A 94 -27.85 -21.99 -11.00
CA LEU A 94 -28.94 -21.96 -10.02
C LEU A 94 -29.80 -20.70 -10.15
N CYS A 95 -29.18 -19.58 -10.50
CA CYS A 95 -29.91 -18.30 -10.53
C CYS A 95 -30.97 -18.27 -11.61
N LYS A 96 -30.85 -19.15 -12.60
CA LYS A 96 -31.80 -19.22 -13.69
C LYS A 96 -33.17 -19.66 -13.22
N TYR A 97 -33.26 -20.32 -12.06
CA TYR A 97 -34.50 -20.82 -11.51
C TYR A 97 -35.20 -19.69 -10.73
N LYS A 98 -36.29 -19.15 -11.27
CA LYS A 98 -36.93 -18.03 -10.57
C LYS A 98 -37.54 -18.48 -9.23
N SER A 99 -37.93 -19.74 -9.11
CA SER A 99 -38.54 -20.23 -7.88
C SER A 99 -37.59 -20.32 -6.71
N VAL A 100 -36.27 -20.40 -6.95
CA VAL A 100 -35.35 -20.44 -5.82
C VAL A 100 -35.44 -19.13 -5.03
N GLU A 101 -35.53 -19.26 -3.71
CA GLU A 101 -35.59 -18.13 -2.78
C GLU A 101 -34.25 -17.79 -2.14
N ASN A 102 -33.37 -18.77 -1.96
CA ASN A 102 -32.11 -18.55 -1.27
C ASN A 102 -31.07 -19.50 -1.82
N ILE A 103 -29.84 -19.02 -1.98
CA ILE A 103 -28.70 -19.86 -2.40
C ILE A 103 -27.60 -19.58 -1.40
N ASP A 104 -27.26 -20.57 -0.57
CA ASP A 104 -26.08 -20.42 0.27
C ASP A 104 -24.89 -21.05 -0.45
N ILE A 105 -23.73 -20.43 -0.32
CA ILE A 105 -22.50 -21.08 -0.79
C ILE A 105 -21.48 -21.04 0.34
N CYS A 106 -20.90 -22.20 0.65
CA CYS A 106 -19.86 -22.33 1.66
C CYS A 106 -18.55 -22.69 0.95
N GLU A 107 -17.65 -21.71 0.85
CA GLU A 107 -16.37 -21.85 0.17
C GLU A 107 -15.26 -21.53 1.17
N ILE A 108 -14.30 -22.43 1.30
CA ILE A 108 -13.29 -22.26 2.34
C ILE A 108 -12.31 -21.13 2.01
N ASP A 109 -12.09 -20.84 0.73
CA ASP A 109 -10.95 -19.99 0.30
C ASP A 109 -11.50 -18.74 -0.38
N GLU A 110 -11.54 -17.60 0.34
CA GLU A 110 -12.13 -16.39 -0.23
C GLU A 110 -11.34 -15.90 -1.45
N THR A 111 -10.07 -16.27 -1.55
CA THR A 111 -9.26 -15.90 -2.70
C THR A 111 -9.85 -16.44 -3.99
N VAL A 112 -10.42 -17.65 -3.94
CA VAL A 112 -10.99 -18.21 -5.15
C VAL A 112 -12.17 -17.38 -5.63
N ILE A 113 -13.04 -16.95 -4.71
CA ILE A 113 -14.16 -16.08 -5.10
C ILE A 113 -13.64 -14.79 -5.71
N GLU A 114 -12.70 -14.14 -5.03
CA GLU A 114 -12.24 -12.82 -5.48
C GLU A 114 -11.56 -12.93 -6.85
N VAL A 115 -10.75 -13.97 -7.04
CA VAL A 115 -10.09 -14.19 -8.32
C VAL A 115 -11.13 -14.44 -9.41
N SER A 116 -12.17 -15.21 -9.10
CA SER A 116 -13.15 -15.47 -10.14
C SER A 116 -13.93 -14.20 -10.48
N LYS A 117 -14.23 -13.37 -9.48
CA LYS A 117 -14.89 -12.11 -9.76
C LYS A 117 -14.05 -11.19 -10.64
N ILE A 118 -12.73 -11.26 -10.51
CA ILE A 118 -11.86 -10.37 -11.28
C ILE A 118 -11.61 -10.93 -12.67
N TYR A 119 -11.29 -12.22 -12.77
CA TYR A 119 -10.77 -12.79 -14.01
C TYR A 119 -11.77 -13.66 -14.79
N PHE A 120 -12.90 -14.03 -14.21
CA PHE A 120 -13.87 -14.94 -14.85
C PHE A 120 -15.27 -14.35 -14.73
N LYS A 121 -15.45 -13.15 -15.31
CA LYS A 121 -16.69 -12.42 -15.06
C LYS A 121 -17.93 -13.13 -15.63
N ASN A 122 -17.81 -13.91 -16.71
CA ASN A 122 -19.01 -14.62 -17.18
C ASN A 122 -19.27 -15.92 -16.43
N ILE A 123 -18.46 -16.24 -15.43
CA ILE A 123 -18.70 -17.40 -14.59
C ILE A 123 -19.19 -16.99 -13.21
N SER A 124 -18.70 -15.87 -12.67
CA SER A 124 -19.01 -15.42 -11.32
C SER A 124 -20.12 -14.38 -11.27
N CYS A 125 -20.85 -14.17 -12.39
CA CYS A 125 -21.89 -13.14 -12.42
C CYS A 125 -23.01 -13.38 -11.41
N GLY A 126 -23.21 -14.62 -10.97
CA GLY A 126 -24.29 -14.95 -10.04
C GLY A 126 -24.11 -14.38 -8.65
N TYR A 127 -22.89 -13.97 -8.29
CA TYR A 127 -22.70 -13.35 -6.99
C TYR A 127 -23.45 -12.02 -6.90
N GLU A 128 -23.83 -11.40 -8.03
CA GLU A 128 -24.61 -10.15 -7.96
C GLU A 128 -26.06 -10.39 -7.55
N ASP A 129 -26.54 -11.63 -7.64
CA ASP A 129 -27.95 -11.92 -7.36
C ASP A 129 -28.23 -11.80 -5.87
N LYS A 130 -29.33 -11.12 -5.51
CA LYS A 130 -29.57 -10.83 -4.11
C LYS A 130 -29.95 -12.05 -3.29
N ARG A 131 -30.25 -13.21 -3.92
CA ARG A 131 -30.53 -14.40 -3.16
C ARG A 131 -29.29 -15.14 -2.69
N VAL A 132 -28.10 -14.74 -3.12
CA VAL A 132 -26.89 -15.50 -2.87
C VAL A 132 -26.28 -15.02 -1.56
N ASN A 133 -26.00 -15.96 -0.67
CA ASN A 133 -25.33 -15.66 0.60
C ASN A 133 -24.05 -16.46 0.70
N VAL A 134 -22.93 -15.77 0.97
CA VAL A 134 -21.60 -16.36 0.98
C VAL A 134 -21.15 -16.61 2.41
N PHE A 135 -20.65 -17.80 2.68
CA PHE A 135 -19.99 -18.17 3.93
C PHE A 135 -18.59 -18.64 3.60
N ILE A 136 -17.59 -18.00 4.21
CA ILE A 136 -16.20 -18.38 4.02
C ILE A 136 -15.85 -19.28 5.19
N GLU A 137 -15.85 -20.60 4.97
CA GLU A 137 -15.76 -21.55 6.06
C GLU A 137 -15.49 -22.93 5.46
N ASP A 138 -14.85 -23.79 6.25
CA ASP A 138 -14.76 -25.21 5.92
C ASP A 138 -16.16 -25.82 5.94
N ALA A 139 -16.60 -26.42 4.83
CA ALA A 139 -17.97 -26.93 4.76
C ALA A 139 -18.21 -28.05 5.77
N SER A 140 -17.16 -28.76 6.13
CA SER A 140 -17.26 -29.74 7.21
C SER A 140 -17.79 -29.11 8.50
N LYS A 141 -17.37 -27.88 8.80
CA LYS A 141 -17.84 -27.17 9.99
C LYS A 141 -19.17 -26.45 9.75
N PHE A 142 -19.34 -25.84 8.58
CA PHE A 142 -20.62 -25.24 8.23
C PHE A 142 -21.75 -26.26 8.37
N LEU A 143 -21.57 -27.44 7.77
CA LEU A 143 -22.64 -28.42 7.80
C LEU A 143 -22.94 -28.92 9.21
N GLU A 144 -21.96 -28.88 10.10
CA GLU A 144 -22.24 -29.26 11.47
C GLU A 144 -23.08 -28.21 12.18
N ASN A 145 -23.00 -26.94 11.75
CA ASN A 145 -23.62 -25.85 12.49
C ASN A 145 -24.88 -25.28 11.86
N VAL A 146 -25.16 -25.61 10.61
CA VAL A 146 -26.23 -24.88 9.94
C VAL A 146 -27.56 -25.28 10.58
N THR A 147 -28.42 -24.29 10.82
CA THR A 147 -29.74 -24.59 11.38
C THR A 147 -30.78 -24.92 10.31
N ASN A 148 -30.65 -24.34 9.11
CA ASN A 148 -31.58 -24.57 8.02
C ASN A 148 -31.34 -25.96 7.42
N THR A 149 -32.39 -26.52 6.79
CA THR A 149 -32.24 -27.66 5.90
C THR A 149 -32.50 -27.21 4.46
N TYR A 150 -31.92 -27.94 3.50
CA TYR A 150 -31.92 -27.55 2.09
C TYR A 150 -32.71 -28.53 1.22
N ASP A 151 -33.26 -28.01 0.12
CA ASP A 151 -33.92 -28.87 -0.87
C ASP A 151 -32.88 -29.61 -1.71
N VAL A 152 -31.77 -28.95 -2.03
CA VAL A 152 -30.71 -29.52 -2.85
C VAL A 152 -29.39 -29.05 -2.26
N ILE A 153 -28.42 -29.96 -2.19
CA ILE A 153 -27.04 -29.62 -1.88
C ILE A 153 -26.17 -30.10 -3.04
N ILE A 154 -25.34 -29.19 -3.58
CA ILE A 154 -24.45 -29.49 -4.69
C ILE A 154 -23.03 -29.40 -4.14
N VAL A 155 -22.31 -30.52 -4.13
CA VAL A 155 -20.95 -30.54 -3.62
C VAL A 155 -19.99 -30.37 -4.79
N ASP A 156 -19.46 -29.15 -4.95
CA ASP A 156 -18.60 -28.80 -6.06
C ASP A 156 -17.20 -28.57 -5.50
N SER A 157 -16.58 -29.65 -5.04
CA SER A 157 -15.31 -29.61 -4.35
C SER A 157 -14.14 -29.76 -5.32
N SER A 158 -12.99 -29.28 -4.89
CA SER A 158 -11.72 -29.70 -5.47
C SER A 158 -11.44 -31.15 -5.05
N ASP A 159 -10.24 -31.64 -5.38
CA ASP A 159 -9.91 -33.05 -5.17
C ASP A 159 -9.50 -33.36 -3.74
N PRO A 160 -9.38 -34.65 -3.40
CA PRO A 160 -9.17 -35.04 -2.00
C PRO A 160 -7.84 -34.63 -1.41
N ILE A 161 -6.85 -34.24 -2.23
CA ILE A 161 -5.59 -33.69 -1.73
C ILE A 161 -5.74 -32.18 -1.58
N GLY A 162 -5.66 -31.69 -0.34
CA GLY A 162 -5.85 -30.28 -0.07
C GLY A 162 -7.03 -30.05 0.88
N PRO A 163 -7.54 -28.82 0.90
CA PRO A 163 -8.66 -28.49 1.81
C PRO A 163 -9.88 -29.37 1.64
N ALA A 164 -10.09 -29.97 0.47
CA ALA A 164 -11.28 -30.80 0.30
C ALA A 164 -11.13 -32.18 0.94
N GLU A 165 -10.02 -32.44 1.63
CA GLU A 165 -9.81 -33.76 2.23
C GLU A 165 -10.89 -34.10 3.25
N THR A 166 -11.57 -33.10 3.82
CA THR A 166 -12.64 -33.29 4.79
C THR A 166 -13.99 -33.60 4.15
N LEU A 167 -14.09 -33.67 2.83
CA LEU A 167 -15.38 -33.83 2.17
C LEU A 167 -15.57 -35.23 1.57
N PHE A 168 -14.64 -36.16 1.81
CA PHE A 168 -14.75 -37.46 1.14
C PHE A 168 -14.75 -38.59 2.16
N ASN A 169 -15.66 -38.56 3.13
CA ASN A 169 -15.72 -39.58 4.16
C ASN A 169 -17.15 -39.78 4.63
N GLN A 170 -17.33 -40.82 5.45
CA GLN A 170 -18.67 -41.19 5.92
C GLN A 170 -19.29 -40.09 6.76
N ASN A 171 -18.52 -39.53 7.70
CA ASN A 171 -19.08 -38.49 8.57
C ASN A 171 -19.61 -37.32 7.76
N PHE A 172 -18.92 -36.99 6.67
CA PHE A 172 -19.39 -35.90 5.81
C PHE A 172 -20.77 -36.20 5.24
N TYR A 173 -20.97 -37.41 4.71
CA TYR A 173 -22.30 -37.69 4.12
C TYR A 173 -23.39 -37.77 5.18
N GLU A 174 -23.05 -38.08 6.43
CA GLU A 174 -24.05 -37.98 7.49
C GLU A 174 -24.45 -36.52 7.70
N LYS A 175 -23.49 -35.59 7.67
CA LYS A 175 -23.84 -34.18 7.81
C LYS A 175 -24.69 -33.71 6.65
N ILE A 176 -24.39 -34.19 5.45
CA ILE A 176 -25.19 -33.86 4.28
C ILE A 176 -26.62 -34.38 4.46
N TYR A 177 -26.75 -35.65 4.85
CA TYR A 177 -28.08 -36.20 5.05
C TYR A 177 -28.91 -35.33 6.00
N ASN A 178 -28.32 -34.94 7.13
CA ASN A 178 -29.06 -34.20 8.16
C ASN A 178 -29.38 -32.78 7.70
N ALA A 179 -28.57 -32.22 6.82
CA ALA A 179 -28.86 -30.86 6.35
C ALA A 179 -29.85 -30.83 5.20
N LEU A 180 -30.36 -31.99 4.77
CA LEU A 180 -31.34 -32.06 3.69
C LEU A 180 -32.76 -32.18 4.24
N LYS A 181 -33.70 -31.58 3.51
CA LYS A 181 -35.14 -31.75 3.73
C LYS A 181 -35.49 -33.23 3.57
N PRO A 182 -36.62 -33.67 4.10
CA PRO A 182 -36.92 -35.11 4.02
C PRO A 182 -36.95 -35.64 2.60
N ASN A 183 -37.28 -34.81 1.62
CA ASN A 183 -37.29 -35.22 0.23
C ASN A 183 -36.16 -34.56 -0.55
N GLY A 184 -35.05 -34.22 0.16
CA GLY A 184 -33.97 -33.47 -0.45
C GLY A 184 -33.03 -34.36 -1.26
N TYR A 185 -32.20 -33.71 -2.11
CA TYR A 185 -31.21 -34.42 -2.95
C TYR A 185 -29.84 -33.78 -2.78
N CYS A 186 -28.80 -34.61 -2.85
CA CYS A 186 -27.41 -34.16 -2.92
C CYS A 186 -26.74 -34.74 -4.16
N VAL A 187 -26.00 -33.92 -4.92
CA VAL A 187 -25.07 -34.42 -5.93
C VAL A 187 -23.66 -33.98 -5.52
N ALA A 188 -22.68 -34.81 -5.84
CA ALA A 188 -21.30 -34.47 -5.52
C ALA A 188 -20.39 -34.85 -6.68
N GLN A 189 -19.36 -34.04 -6.93
CA GLN A 189 -18.31 -34.42 -7.86
C GLN A 189 -17.66 -35.73 -7.39
N CYS A 190 -17.47 -36.71 -8.30
CA CYS A 190 -16.98 -38.02 -7.89
C CYS A 190 -15.92 -38.52 -8.89
N GLU A 191 -15.12 -39.50 -8.49
CA GLU A 191 -13.94 -39.87 -9.29
C GLU A 191 -14.31 -40.28 -10.74
N SER A 192 -13.38 -40.01 -11.68
CA SER A 192 -13.55 -40.47 -13.06
C SER A 192 -13.54 -41.99 -13.12
N LEU A 193 -14.47 -42.55 -13.89
CA LEU A 193 -14.59 -44.01 -13.93
C LEU A 193 -13.40 -44.66 -14.62
N TRP A 194 -12.60 -43.89 -15.33
CA TRP A 194 -11.39 -44.46 -15.93
C TRP A 194 -10.20 -44.50 -14.99
N ILE A 195 -10.30 -43.94 -13.79
CA ILE A 195 -9.15 -43.92 -12.88
C ILE A 195 -9.40 -44.82 -11.68
N HIS A 196 -9.81 -44.24 -10.55
CA HIS A 196 -9.91 -45.05 -9.32
C HIS A 196 -11.39 -45.40 -9.09
N VAL A 197 -11.77 -46.54 -9.66
CA VAL A 197 -13.06 -47.14 -9.36
C VAL A 197 -13.17 -47.45 -7.87
N GLY A 198 -12.05 -47.83 -7.24
CA GLY A 198 -12.08 -48.12 -5.82
C GLY A 198 -12.61 -46.95 -5.00
N THR A 199 -12.28 -45.73 -5.41
CA THR A 199 -12.79 -44.53 -4.74
C THR A 199 -14.29 -44.34 -4.99
N ILE A 200 -14.73 -44.48 -6.25
CA ILE A 200 -16.16 -44.45 -6.53
C ILE A 200 -16.90 -45.43 -5.63
N LYS A 201 -16.35 -46.65 -5.49
CA LYS A 201 -16.96 -47.66 -4.64
C LYS A 201 -17.03 -47.21 -3.20
N ASN A 202 -15.98 -46.56 -2.71
CA ASN A 202 -15.98 -46.05 -1.35
C ASN A 202 -17.07 -45.01 -1.15
N MET A 203 -17.17 -44.03 -2.06
CA MET A 203 -18.17 -42.97 -1.91
C MET A 203 -19.58 -43.52 -1.98
N ILE A 204 -19.83 -44.42 -2.92
CA ILE A 204 -21.16 -45.03 -3.01
C ILE A 204 -21.49 -45.75 -1.71
N GLY A 205 -20.53 -46.53 -1.18
CA GLY A 205 -20.76 -47.20 0.08
C GLY A 205 -21.13 -46.23 1.20
N TYR A 206 -20.44 -45.09 1.26
CA TYR A 206 -20.77 -44.06 2.26
C TYR A 206 -22.19 -43.56 2.08
N ALA A 207 -22.54 -43.16 0.86
CA ALA A 207 -23.85 -42.58 0.62
C ALA A 207 -24.95 -43.60 0.91
N LYS A 208 -24.70 -44.87 0.63
CA LYS A 208 -25.73 -45.90 0.85
C LYS A 208 -25.97 -46.22 2.32
N LYS A 209 -25.00 -45.93 3.22
CA LYS A 209 -25.26 -46.05 4.64
C LYS A 209 -26.41 -45.16 5.12
N LEU A 210 -26.84 -44.19 4.31
CA LEU A 210 -27.80 -43.17 4.74
C LEU A 210 -28.91 -42.95 3.72
N PHE A 211 -28.57 -42.93 2.43
CA PHE A 211 -29.53 -42.59 1.39
C PHE A 211 -30.20 -43.83 0.81
N LYS A 212 -31.51 -43.70 0.55
CA LYS A 212 -32.24 -44.84 0.01
C LYS A 212 -31.78 -45.17 -1.41
N LYS A 213 -31.50 -44.16 -2.23
CA LYS A 213 -31.12 -44.32 -3.63
C LYS A 213 -29.82 -43.56 -3.91
N VAL A 214 -28.84 -44.26 -4.47
CA VAL A 214 -27.51 -43.72 -4.73
C VAL A 214 -27.13 -44.09 -6.15
N GLU A 215 -27.02 -43.10 -7.04
CA GLU A 215 -26.77 -43.33 -8.46
C GLU A 215 -25.52 -42.57 -8.88
N TYR A 216 -24.91 -43.00 -9.98
CA TYR A 216 -23.67 -42.43 -10.48
C TYR A 216 -23.88 -42.06 -11.95
N ALA A 217 -23.57 -40.84 -12.30
CA ALA A 217 -23.70 -40.35 -13.66
C ALA A 217 -22.33 -39.94 -14.16
N ASN A 218 -22.18 -39.82 -15.48
CA ASN A 218 -20.91 -39.42 -16.09
C ASN A 218 -21.07 -38.19 -16.98
N ILE A 219 -20.08 -37.29 -16.93
CA ILE A 219 -20.07 -36.04 -17.70
C ILE A 219 -18.83 -36.06 -18.60
N SER A 220 -19.00 -35.72 -19.88
CA SER A 220 -17.85 -35.55 -20.76
C SER A 220 -17.33 -34.14 -20.58
N ILE A 221 -16.05 -34.02 -20.22
CA ILE A 221 -15.42 -32.71 -20.11
C ILE A 221 -13.92 -32.90 -20.37
N PRO A 222 -13.39 -32.29 -21.44
CA PRO A 222 -12.04 -32.66 -21.89
C PRO A 222 -10.91 -32.22 -20.98
N THR A 223 -11.09 -31.19 -20.13
CA THR A 223 -9.96 -30.68 -19.35
C THR A 223 -9.97 -31.20 -17.92
N TYR A 224 -10.81 -32.24 -17.63
CA TYR A 224 -10.57 -33.00 -16.42
C TYR A 224 -9.88 -34.31 -16.79
N PRO A 225 -9.11 -34.91 -15.88
CA PRO A 225 -8.29 -36.08 -16.27
C PRO A 225 -9.17 -37.22 -16.77
N CYS A 226 -8.71 -37.87 -17.85
CA CYS A 226 -9.42 -38.91 -18.58
C CYS A 226 -10.65 -38.40 -19.34
N GLY A 227 -10.88 -37.08 -19.35
CA GLY A 227 -11.92 -36.52 -20.19
C GLY A 227 -13.32 -36.64 -19.64
N CYS A 228 -13.48 -37.04 -18.38
CA CYS A 228 -14.82 -37.17 -17.83
C CYS A 228 -14.74 -37.08 -16.31
N ILE A 229 -15.91 -36.89 -15.69
CA ILE A 229 -15.98 -36.82 -14.25
C ILE A 229 -17.37 -37.32 -13.84
N GLY A 230 -17.44 -38.02 -12.69
CA GLY A 230 -18.70 -38.56 -12.22
C GLY A 230 -19.50 -37.59 -11.33
N ILE A 231 -20.80 -37.86 -11.24
CA ILE A 231 -21.73 -37.19 -10.32
C ILE A 231 -22.25 -38.27 -9.39
N LEU A 232 -21.90 -38.20 -8.10
CA LEU A 232 -22.54 -39.06 -7.12
C LEU A 232 -23.90 -38.48 -6.74
N CYS A 233 -24.97 -39.28 -6.85
CA CYS A 233 -26.32 -38.76 -6.77
C CYS A 233 -27.03 -39.45 -5.62
N CYS A 234 -27.51 -38.67 -4.64
CA CYS A 234 -28.02 -39.24 -3.39
C CYS A 234 -29.45 -38.75 -3.19
N SER A 235 -30.36 -39.70 -2.99
CA SER A 235 -31.79 -39.40 -2.83
C SER A 235 -32.32 -40.03 -1.56
N LYS A 236 -33.26 -39.33 -0.91
CA LYS A 236 -33.92 -39.95 0.23
C LYS A 236 -35.16 -40.74 -0.18
N THR A 237 -35.74 -40.39 -1.34
CA THR A 237 -36.80 -41.13 -2.00
C THR A 237 -36.24 -42.27 -2.84
N ASP A 238 -37.08 -43.27 -3.11
CA ASP A 238 -36.55 -44.35 -3.92
C ASP A 238 -36.66 -44.06 -5.42
N THR A 239 -37.27 -42.95 -5.83
CA THR A 239 -37.34 -42.60 -7.23
C THR A 239 -36.03 -42.07 -7.82
N GLY A 240 -35.11 -41.58 -6.97
CA GLY A 240 -33.78 -41.19 -7.46
C GLY A 240 -33.75 -39.98 -8.40
N LEU A 241 -32.58 -39.82 -9.05
CA LEU A 241 -32.29 -38.62 -9.84
C LEU A 241 -32.16 -38.85 -11.34
N THR A 242 -32.50 -40.07 -11.85
CA THR A 242 -32.25 -40.35 -13.27
C THR A 242 -33.27 -39.70 -14.22
N LYS A 243 -34.46 -39.33 -13.75
CA LYS A 243 -35.49 -38.84 -14.66
C LYS A 243 -35.94 -37.44 -14.27
N PRO A 244 -35.79 -36.43 -15.13
CA PRO A 244 -36.24 -35.08 -14.79
C PRO A 244 -37.75 -35.03 -14.65
N ASN A 245 -38.22 -34.07 -13.85
CA ASN A 245 -39.63 -33.80 -13.61
C ASN A 245 -40.12 -32.53 -14.26
N LYS A 246 -39.25 -31.81 -14.96
CA LYS A 246 -39.62 -30.59 -15.63
C LYS A 246 -38.71 -30.44 -16.83
N LYS A 247 -39.18 -29.69 -17.82
CA LYS A 247 -38.36 -29.27 -18.93
C LYS A 247 -37.97 -27.81 -18.74
N LEU A 248 -36.76 -27.47 -19.18
CA LEU A 248 -36.23 -26.12 -18.97
C LEU A 248 -36.55 -25.26 -20.18
N GLU A 249 -37.78 -24.73 -20.18
CA GLU A 249 -38.29 -24.06 -21.38
C GLU A 249 -38.34 -22.54 -21.28
N SER A 250 -38.23 -21.95 -20.09
CA SER A 250 -38.27 -20.50 -20.01
C SER A 250 -37.02 -19.87 -20.61
N LYS A 251 -37.10 -18.57 -20.87
CA LYS A 251 -36.05 -17.87 -21.62
C LYS A 251 -34.70 -17.89 -20.91
N GLU A 252 -34.68 -18.10 -19.58
CA GLU A 252 -33.43 -18.09 -18.83
C GLU A 252 -32.54 -19.25 -19.25
N PHE A 253 -33.14 -20.28 -19.83
CA PHE A 253 -32.43 -21.50 -20.19
C PHE A 253 -32.24 -21.66 -21.68
N ALA A 254 -32.60 -20.64 -22.47
CA ALA A 254 -32.33 -20.71 -23.90
C ALA A 254 -30.84 -20.79 -24.23
N ASP A 255 -29.96 -20.46 -23.29
CA ASP A 255 -28.53 -20.40 -23.57
C ASP A 255 -27.80 -21.71 -23.27
N LEU A 256 -28.51 -22.74 -22.80
CA LEU A 256 -27.85 -23.94 -22.33
C LEU A 256 -27.05 -24.59 -23.47
N LYS A 257 -25.86 -25.08 -23.13
CA LYS A 257 -24.97 -25.59 -24.15
C LYS A 257 -24.70 -27.09 -24.05
N TYR A 258 -25.06 -27.74 -22.94
CA TYR A 258 -24.82 -29.17 -22.77
C TYR A 258 -26.10 -29.88 -22.34
N TYR A 259 -26.62 -29.52 -21.17
CA TYR A 259 -27.80 -30.18 -20.61
C TYR A 259 -29.00 -30.12 -21.56
N ASN A 260 -29.68 -31.26 -21.69
CA ASN A 260 -31.08 -31.29 -22.11
C ASN A 260 -31.79 -32.48 -21.48
N TYR A 261 -33.11 -32.55 -21.75
CA TYR A 261 -33.95 -33.55 -21.09
C TYR A 261 -33.48 -34.97 -21.38
N GLU A 262 -33.07 -35.24 -22.61
CA GLU A 262 -32.59 -36.59 -22.93
C GLU A 262 -31.20 -36.91 -22.35
N ASN A 263 -30.27 -35.93 -22.34
CA ASN A 263 -28.93 -36.14 -21.78
C ASN A 263 -28.97 -36.46 -20.32
N HIS A 264 -29.94 -35.87 -19.62
CA HIS A 264 -30.06 -36.09 -18.20
C HIS A 264 -30.06 -37.58 -17.91
N SER A 265 -30.98 -38.32 -18.56
CA SER A 265 -31.09 -39.74 -18.27
C SER A 265 -29.94 -40.52 -18.88
N ALA A 266 -29.44 -40.07 -20.03
CA ALA A 266 -28.38 -40.80 -20.72
C ALA A 266 -27.09 -40.84 -19.90
N ALA A 267 -26.87 -39.79 -19.08
CA ALA A 267 -25.64 -39.68 -18.31
C ALA A 267 -25.52 -40.81 -17.30
N PHE A 268 -26.63 -41.50 -16.99
CA PHE A 268 -26.64 -42.55 -15.98
C PHE A 268 -26.44 -43.94 -16.59
N LYS A 269 -26.29 -44.02 -17.90
CA LYS A 269 -26.09 -45.29 -18.61
C LYS A 269 -24.58 -45.55 -18.72
N LEU A 270 -24.06 -46.35 -17.82
CA LEU A 270 -22.64 -46.46 -17.53
C LEU A 270 -22.04 -47.62 -18.31
N PRO A 271 -20.72 -47.59 -18.54
CA PRO A 271 -20.07 -48.75 -19.16
C PRO A 271 -20.17 -50.02 -18.33
N ALA A 272 -20.18 -51.17 -19.04
CA ALA A 272 -20.41 -52.46 -18.37
C ALA A 272 -19.46 -52.71 -17.21
N PHE A 273 -18.16 -52.43 -17.39
CA PHE A 273 -17.22 -52.82 -16.35
C PHE A 273 -17.49 -52.09 -15.04
N LEU A 274 -18.00 -50.85 -15.12
CA LEU A 274 -18.27 -50.08 -13.90
C LEU A 274 -19.50 -50.63 -13.17
N LEU A 275 -20.58 -50.87 -13.91
CA LEU A 275 -21.75 -51.55 -13.33
C LEU A 275 -21.33 -52.79 -12.57
N LYS A 276 -20.43 -53.57 -13.14
CA LYS A 276 -20.00 -54.81 -12.49
C LYS A 276 -19.28 -54.52 -11.19
N GLU A 277 -18.49 -53.44 -11.15
CA GLU A 277 -17.68 -53.13 -9.97
C GLU A 277 -18.51 -52.68 -8.77
N ILE A 278 -19.64 -52.01 -9.01
CA ILE A 278 -20.41 -51.43 -7.92
C ILE A 278 -21.56 -52.32 -7.51
N GLU A 279 -21.65 -53.53 -8.07
CA GLU A 279 -22.88 -54.30 -8.00
C GLU A 279 -23.22 -54.71 -6.57
N ASN A 280 -22.23 -55.18 -5.81
CA ASN A 280 -22.44 -55.75 -4.48
C ASN A 280 -22.11 -54.77 -3.36
N ILE A 281 -22.09 -53.47 -3.66
CA ILE A 281 -21.94 -52.45 -2.64
C ILE A 281 -23.22 -52.34 -1.83
N LYS B 1 6.85 1.41 -20.04
CA LYS B 1 6.96 2.44 -21.07
C LYS B 1 5.98 3.62 -20.89
N LYS B 2 4.81 3.41 -20.28
CA LYS B 2 3.89 4.51 -19.96
C LYS B 2 4.11 4.98 -18.52
N TRP B 3 3.68 6.22 -18.23
CA TRP B 3 3.77 6.79 -16.89
C TRP B 3 2.37 7.06 -16.33
N PHE B 4 2.21 6.81 -15.03
CA PHE B 4 1.05 7.27 -14.27
C PHE B 4 1.32 8.65 -13.69
N SER B 5 0.40 9.60 -13.86
CA SER B 5 0.58 10.96 -13.33
C SER B 5 -0.57 11.32 -12.39
N GLU B 6 -0.21 11.85 -11.24
CA GLU B 6 -1.18 12.30 -10.23
C GLU B 6 -1.28 13.83 -10.34
N PHE B 7 -2.36 14.31 -10.97
CA PHE B 7 -2.73 15.72 -11.00
C PHE B 7 -3.99 15.87 -10.17
N SER B 8 -4.17 17.01 -9.53
CA SER B 8 -5.40 17.23 -8.79
C SER B 8 -5.69 18.72 -8.59
N ILE B 9 -6.98 19.06 -8.67
CA ILE B 9 -7.41 20.39 -8.28
C ILE B 9 -7.12 20.67 -6.81
N MET B 10 -6.86 19.62 -6.00
CA MET B 10 -6.47 19.82 -4.60
C MET B 10 -5.02 20.30 -4.42
N TRP B 11 -4.17 20.18 -5.44
CA TRP B 11 -2.79 20.69 -5.38
C TRP B 11 -2.37 21.20 -6.76
N PRO B 12 -2.93 22.31 -7.20
CA PRO B 12 -2.72 22.72 -8.58
C PRO B 12 -1.28 23.18 -8.82
N GLY B 13 -0.87 23.08 -10.08
CA GLY B 13 0.44 23.57 -10.45
C GLY B 13 1.57 22.57 -10.26
N GLN B 14 1.30 21.41 -9.69
CA GLN B 14 2.33 20.40 -9.48
C GLN B 14 1.80 19.01 -9.80
N ALA B 15 2.72 18.06 -10.03
CA ALA B 15 2.27 16.69 -10.28
C ALA B 15 3.40 15.74 -9.95
N PHE B 16 3.05 14.51 -9.59
CA PHE B 16 4.02 13.46 -9.37
C PHE B 16 3.69 12.27 -10.27
N SER B 17 4.70 11.72 -10.91
CA SER B 17 4.52 10.61 -11.85
C SER B 17 5.40 9.41 -11.49
N LEU B 18 4.86 8.20 -11.75
CA LEU B 18 5.57 6.94 -11.57
C LEU B 18 5.48 6.18 -12.88
N LYS B 19 6.62 5.63 -13.31
CA LYS B 19 6.65 4.81 -14.52
C LYS B 19 5.94 3.48 -14.26
N ILE B 20 5.12 3.07 -15.23
CA ILE B 20 4.29 1.86 -15.11
C ILE B 20 5.02 0.65 -15.70
N LYS B 21 5.24 -0.40 -14.90
CA LYS B 21 5.72 -1.66 -15.46
C LYS B 21 4.56 -2.46 -16.05
N LYS B 22 3.46 -2.56 -15.33
CA LYS B 22 2.27 -3.18 -15.88
C LYS B 22 1.03 -2.84 -15.06
N ILE B 23 -0.08 -2.66 -15.76
CA ILE B 23 -1.39 -2.48 -15.12
C ILE B 23 -1.90 -3.83 -14.64
N LEU B 24 -2.31 -3.90 -13.38
CA LEU B 24 -2.84 -5.15 -12.83
C LEU B 24 -4.35 -5.22 -12.78
N TYR B 25 -5.02 -4.09 -12.55
CA TYR B 25 -6.45 -4.11 -12.25
C TYR B 25 -6.99 -2.71 -12.38
N GLU B 26 -8.12 -2.57 -13.08
CA GLU B 26 -8.78 -1.30 -13.18
C GLU B 26 -10.29 -1.56 -13.22
N THR B 27 -11.05 -0.89 -12.35
CA THR B 27 -12.50 -1.07 -12.33
C THR B 27 -13.14 0.15 -11.68
N LYS B 28 -14.41 0.37 -11.97
CA LYS B 28 -15.18 1.38 -11.28
C LYS B 28 -16.05 0.66 -10.25
N SER B 29 -15.85 0.96 -8.99
CA SER B 29 -16.70 0.37 -7.97
C SER B 29 -17.97 1.19 -7.87
N LYS B 30 -18.85 0.80 -6.94
CA LYS B 30 -19.99 1.66 -6.64
C LYS B 30 -19.56 3.06 -6.20
N TYR B 31 -18.33 3.23 -5.69
CA TYR B 31 -17.97 4.47 -5.03
C TYR B 31 -16.88 5.27 -5.71
N GLN B 32 -15.97 4.62 -6.43
CA GLN B 32 -14.79 5.34 -6.91
C GLN B 32 -14.11 4.51 -7.97
N ASN B 33 -13.28 5.16 -8.78
CA ASN B 33 -12.43 4.44 -9.72
C ASN B 33 -11.24 3.83 -9.01
N VAL B 34 -10.97 2.56 -9.27
CA VAL B 34 -9.90 1.80 -8.62
C VAL B 34 -8.87 1.42 -9.66
N LEU B 35 -7.59 1.68 -9.37
CA LEU B 35 -6.53 1.30 -10.27
C LEU B 35 -5.42 0.68 -9.44
N VAL B 36 -4.90 -0.45 -9.90
CA VAL B 36 -3.72 -1.09 -9.32
C VAL B 36 -2.72 -1.32 -10.42
N PHE B 37 -1.47 -0.88 -10.21
CA PHE B 37 -0.45 -1.18 -11.19
C PHE B 37 0.86 -1.45 -10.48
N GLU B 38 1.74 -2.19 -11.18
CA GLU B 38 3.12 -2.35 -10.77
C GLU B 38 3.91 -1.21 -11.37
N SER B 39 4.52 -0.40 -10.50
CA SER B 39 5.46 0.62 -10.96
C SER B 39 6.84 0.00 -11.14
N THR B 40 7.72 0.71 -11.86
CA THR B 40 9.03 0.16 -12.10
C THR B 40 9.94 0.26 -10.88
N THR B 41 9.73 1.26 -10.00
CA THR B 41 10.67 1.40 -8.87
C THR B 41 10.02 1.51 -7.50
N TYR B 42 8.68 1.61 -7.39
CA TYR B 42 8.01 1.75 -6.09
C TYR B 42 7.11 0.54 -5.78
N GLY B 43 7.31 -0.56 -6.50
CA GLY B 43 6.41 -1.70 -6.26
C GLY B 43 4.99 -1.47 -6.77
N LYS B 44 4.07 -2.26 -6.23
CA LYS B 44 2.68 -2.08 -6.62
C LYS B 44 2.10 -0.83 -5.98
N VAL B 45 1.17 -0.20 -6.69
CA VAL B 45 0.58 1.08 -6.35
C VAL B 45 -0.94 0.97 -6.38
N LEU B 46 -1.60 1.48 -5.35
CA LEU B 46 -3.05 1.57 -5.32
C LEU B 46 -3.48 3.00 -5.56
N VAL B 47 -4.42 3.21 -6.49
CA VAL B 47 -4.91 4.54 -6.85
C VAL B 47 -6.43 4.55 -6.76
N LEU B 48 -6.99 5.60 -6.15
CA LEU B 48 -8.45 5.77 -6.05
C LEU B 48 -8.79 7.14 -6.61
N ASP B 49 -9.69 7.17 -7.60
CA ASP B 49 -10.07 8.43 -8.21
C ASP B 49 -8.82 9.23 -8.61
N GLY B 50 -7.83 8.55 -9.18
CA GLY B 50 -6.65 9.24 -9.69
C GLY B 50 -5.66 9.71 -8.65
N VAL B 51 -5.85 9.37 -7.38
CA VAL B 51 -4.95 9.82 -6.30
C VAL B 51 -4.26 8.60 -5.73
N ILE B 52 -2.93 8.69 -5.56
CA ILE B 52 -2.17 7.57 -4.99
C ILE B 52 -2.56 7.36 -3.52
N GLN B 53 -2.97 6.14 -3.19
CA GLN B 53 -3.30 5.79 -1.82
C GLN B 53 -2.13 5.16 -1.10
N LEU B 54 -1.38 4.33 -1.82
CA LEU B 54 -0.19 3.69 -1.24
C LEU B 54 0.69 3.09 -2.33
N THR B 55 1.98 2.93 -1.99
CA THR B 55 2.89 2.12 -2.78
C THR B 55 3.60 1.15 -1.84
N GLU B 56 4.02 0.03 -2.38
CA GLU B 56 4.70 -0.95 -1.51
C GLU B 56 5.99 -0.39 -0.92
N LYS B 57 6.65 0.52 -1.62
CA LYS B 57 7.97 0.96 -1.21
C LYS B 57 7.95 1.79 0.08
N ASP B 58 6.93 2.66 0.25
CA ASP B 58 6.94 3.60 1.36
C ASP B 58 5.70 3.53 2.28
N GLU B 59 4.76 2.61 2.04
CA GLU B 59 3.54 2.67 2.83
C GLU B 59 3.81 2.51 4.31
N PHE B 60 4.89 1.81 4.67
CA PHE B 60 5.13 1.56 6.09
C PHE B 60 5.33 2.87 6.86
N ALA B 61 5.85 3.93 6.20
CA ALA B 61 6.04 5.19 6.94
C ALA B 61 4.71 5.70 7.47
N TYR B 62 3.70 5.74 6.61
CA TYR B 62 2.40 6.24 7.00
C TYR B 62 1.71 5.28 7.99
N HIS B 63 1.68 3.98 7.66
CA HIS B 63 0.90 3.09 8.52
C HIS B 63 1.53 2.96 9.89
N GLU B 64 2.86 2.97 9.99
CA GLU B 64 3.50 2.88 11.30
C GLU B 64 3.29 4.12 12.13
N MET B 65 3.48 5.30 11.54
CA MET B 65 3.35 6.50 12.37
C MET B 65 1.90 6.71 12.80
N MET B 66 0.94 6.53 11.85
CA MET B 66 -0.49 6.68 12.21
C MET B 66 -0.90 5.71 13.32
N THR B 67 -0.29 4.51 13.36
CA THR B 67 -0.74 3.54 14.37
C THR B 67 0.03 3.63 15.67
N HIS B 68 1.38 3.68 15.58
CA HIS B 68 2.17 3.56 16.81
C HIS B 68 2.28 4.85 17.59
N VAL B 69 1.95 5.99 17.00
CA VAL B 69 1.87 7.20 17.82
C VAL B 69 0.76 7.06 18.88
N PRO B 70 -0.51 6.80 18.51
CA PRO B 70 -1.51 6.67 19.57
C PRO B 70 -1.38 5.38 20.37
N MET B 71 -0.91 4.29 19.76
CA MET B 71 -0.94 3.02 20.48
C MET B 71 0.21 2.89 21.48
N THR B 72 1.21 3.79 21.44
CA THR B 72 2.23 3.79 22.50
C THR B 72 1.89 4.78 23.60
N VAL B 73 0.84 5.58 23.43
CA VAL B 73 0.38 6.49 24.45
C VAL B 73 -0.81 5.91 25.23
N SER B 74 -1.83 5.42 24.51
CA SER B 74 -2.96 4.78 25.18
C SER B 74 -2.46 3.59 26.00
N LYS B 75 -2.94 3.43 27.22
CA LYS B 75 -2.24 2.58 28.16
C LYS B 75 -2.63 1.11 28.01
N GLU B 76 -3.91 0.80 28.02
CA GLU B 76 -4.34 -0.60 27.85
C GLU B 76 -5.48 -0.65 26.85
N PRO B 77 -5.25 -0.28 25.60
CA PRO B 77 -6.39 -0.17 24.67
C PRO B 77 -7.00 -1.54 24.42
N LYS B 78 -8.32 -1.60 24.53
CA LYS B 78 -9.08 -2.82 24.33
C LYS B 78 -9.89 -2.76 23.05
N ASN B 79 -10.38 -1.57 22.69
CA ASN B 79 -11.19 -1.45 21.50
C ASN B 79 -10.61 -0.37 20.61
N VAL B 80 -10.37 -0.68 19.35
CA VAL B 80 -9.78 0.30 18.42
C VAL B 80 -10.61 0.27 17.15
N LEU B 81 -10.84 1.44 16.57
CA LEU B 81 -11.59 1.59 15.34
C LEU B 81 -10.70 2.18 14.26
N VAL B 82 -10.69 1.57 13.08
CA VAL B 82 -10.11 2.19 11.90
C VAL B 82 -11.24 2.70 11.02
N VAL B 83 -11.21 4.01 10.72
CA VAL B 83 -12.14 4.60 9.77
C VAL B 83 -11.47 4.62 8.39
N GLY B 84 -12.12 4.04 7.39
CA GLY B 84 -11.47 3.89 6.09
C GLY B 84 -10.49 2.71 6.15
N GLY B 85 -9.29 2.89 5.59
CA GLY B 85 -8.23 1.87 5.75
C GLY B 85 -8.51 0.53 5.11
N GLY B 86 -9.29 0.48 4.02
CA GLY B 86 -9.61 -0.82 3.41
C GLY B 86 -8.39 -1.61 2.96
N ASP B 87 -7.26 -0.95 2.66
CA ASP B 87 -6.08 -1.71 2.27
C ASP B 87 -5.56 -2.59 3.39
N GLY B 88 -5.91 -2.28 4.64
CA GLY B 88 -5.47 -3.10 5.77
C GLY B 88 -4.17 -2.70 6.43
N GLY B 89 -3.49 -1.65 5.96
CA GLY B 89 -2.17 -1.34 6.52
C GLY B 89 -2.25 -0.98 7.99
N ILE B 90 -3.26 -0.16 8.38
CA ILE B 90 -3.40 0.16 9.79
C ILE B 90 -3.73 -1.10 10.59
N ILE B 91 -4.64 -1.93 10.08
CA ILE B 91 -4.98 -3.19 10.77
C ILE B 91 -3.73 -4.03 10.99
N ARG B 92 -2.87 -4.12 9.98
CA ARG B 92 -1.63 -4.88 10.14
C ARG B 92 -0.81 -4.40 11.33
N GLU B 93 -0.66 -3.07 11.47
CA GLU B 93 0.13 -2.61 12.61
C GLU B 93 -0.61 -2.78 13.93
N LEU B 94 -1.95 -2.65 13.94
CA LEU B 94 -2.67 -2.81 15.20
C LEU B 94 -2.60 -4.26 15.70
N CYS B 95 -2.55 -5.22 14.80
CA CYS B 95 -2.57 -6.62 15.25
C CYS B 95 -1.32 -6.96 16.07
N LYS B 96 -0.27 -6.16 15.97
CA LYS B 96 0.96 -6.42 16.72
C LYS B 96 0.75 -6.21 18.22
N TYR B 97 -0.36 -5.57 18.61
CA TYR B 97 -0.67 -5.27 20.02
C TYR B 97 -1.51 -6.44 20.54
N LYS B 98 -0.87 -7.35 21.30
CA LYS B 98 -1.61 -8.55 21.74
C LYS B 98 -2.76 -8.24 22.71
N SER B 99 -2.69 -7.13 23.43
CA SER B 99 -3.62 -6.67 24.45
C SER B 99 -4.97 -6.21 23.87
N VAL B 100 -4.99 -5.76 22.61
CA VAL B 100 -6.23 -5.27 22.02
C VAL B 100 -7.20 -6.44 21.90
N GLU B 101 -8.46 -6.19 22.22
CA GLU B 101 -9.48 -7.24 22.17
C GLU B 101 -10.29 -7.21 20.89
N ASN B 102 -10.68 -6.00 20.44
CA ASN B 102 -11.49 -5.88 19.24
C ASN B 102 -10.87 -4.82 18.34
N ILE B 103 -10.70 -5.15 17.07
CA ILE B 103 -10.21 -4.22 16.07
C ILE B 103 -11.33 -4.05 15.05
N ASP B 104 -12.05 -2.95 15.13
CA ASP B 104 -13.19 -2.72 14.24
C ASP B 104 -12.72 -1.85 13.08
N ILE B 105 -13.14 -2.16 11.86
CA ILE B 105 -12.83 -1.30 10.72
C ILE B 105 -14.10 -1.00 9.96
N CYS B 106 -14.29 0.27 9.61
CA CYS B 106 -15.48 0.75 8.91
C CYS B 106 -15.02 1.36 7.60
N GLU B 107 -15.25 0.61 6.52
CA GLU B 107 -14.77 0.91 5.18
C GLU B 107 -15.97 0.93 4.25
N ILE B 108 -16.10 2.00 3.46
CA ILE B 108 -17.34 2.16 2.67
C ILE B 108 -17.34 1.28 1.42
N ASP B 109 -16.17 0.94 0.88
CA ASP B 109 -16.02 0.30 -0.44
C ASP B 109 -15.36 -1.06 -0.29
N GLU B 110 -16.19 -2.12 -0.29
CA GLU B 110 -15.69 -3.45 -0.08
C GLU B 110 -14.71 -3.87 -1.18
N THR B 111 -14.82 -3.28 -2.36
CA THR B 111 -13.92 -3.59 -3.47
C THR B 111 -12.47 -3.29 -3.11
N VAL B 112 -12.24 -2.24 -2.31
CA VAL B 112 -10.86 -1.90 -1.93
C VAL B 112 -10.28 -3.01 -1.08
N ILE B 113 -11.10 -3.58 -0.19
CA ILE B 113 -10.60 -4.67 0.64
C ILE B 113 -10.24 -5.87 -0.24
N GLU B 114 -11.17 -6.24 -1.14
CA GLU B 114 -10.92 -7.39 -2.00
C GLU B 114 -9.67 -7.21 -2.86
N VAL B 115 -9.50 -6.02 -3.43
CA VAL B 115 -8.32 -5.77 -4.27
C VAL B 115 -7.04 -5.80 -3.45
N SER B 116 -7.09 -5.28 -2.21
CA SER B 116 -5.92 -5.34 -1.35
C SER B 116 -5.54 -6.77 -0.97
N LYS B 117 -6.54 -7.61 -0.71
CA LYS B 117 -6.26 -9.01 -0.39
C LYS B 117 -5.66 -9.76 -1.56
N ILE B 118 -6.02 -9.38 -2.78
CA ILE B 118 -5.52 -10.06 -3.97
C ILE B 118 -4.13 -9.56 -4.39
N TYR B 119 -3.87 -8.23 -4.35
CA TYR B 119 -2.66 -7.71 -4.95
C TYR B 119 -1.66 -7.15 -3.94
N PHE B 120 -2.04 -7.00 -2.67
CA PHE B 120 -1.14 -6.39 -1.69
C PHE B 120 -1.08 -7.23 -0.43
N LYS B 121 -0.59 -8.47 -0.57
CA LYS B 121 -0.72 -9.43 0.52
C LYS B 121 0.10 -9.07 1.74
N ASN B 122 1.19 -8.31 1.58
CA ASN B 122 1.96 -7.90 2.75
C ASN B 122 1.33 -6.72 3.47
N ILE B 123 0.26 -6.16 2.92
CA ILE B 123 -0.44 -5.06 3.56
C ILE B 123 -1.75 -5.51 4.19
N SER B 124 -2.44 -6.46 3.54
CA SER B 124 -3.79 -6.88 3.93
C SER B 124 -3.79 -8.12 4.82
N CYS B 125 -2.62 -8.58 5.30
CA CYS B 125 -2.51 -9.83 6.04
C CYS B 125 -3.20 -9.79 7.40
N GLY B 126 -3.42 -8.60 7.96
CA GLY B 126 -4.11 -8.49 9.24
C GLY B 126 -5.58 -8.90 9.22
N TYR B 127 -6.20 -8.94 8.03
CA TYR B 127 -7.60 -9.36 7.97
C TYR B 127 -7.77 -10.81 8.43
N GLU B 128 -6.69 -11.59 8.50
CA GLU B 128 -6.80 -12.96 9.00
C GLU B 128 -6.91 -13.05 10.51
N ASP B 129 -6.58 -12.00 11.24
CA ASP B 129 -6.60 -12.03 12.69
C ASP B 129 -8.03 -12.09 13.19
N LYS B 130 -8.28 -12.99 14.15
CA LYS B 130 -9.67 -13.26 14.53
C LYS B 130 -10.31 -12.11 15.31
N ARG B 131 -9.51 -11.12 15.71
CA ARG B 131 -10.05 -9.98 16.46
C ARG B 131 -10.62 -8.89 15.55
N VAL B 132 -10.44 -9.00 14.24
CA VAL B 132 -10.85 -7.95 13.30
C VAL B 132 -12.31 -8.16 12.92
N ASN B 133 -13.08 -7.08 13.04
CA ASN B 133 -14.47 -7.05 12.66
C ASN B 133 -14.61 -6.01 11.56
N VAL B 134 -15.12 -6.42 10.39
CA VAL B 134 -15.26 -5.54 9.23
C VAL B 134 -16.70 -5.09 9.08
N PHE B 135 -16.88 -3.77 8.95
CA PHE B 135 -18.19 -3.18 8.70
C PHE B 135 -18.12 -2.41 7.38
N ILE B 136 -19.02 -2.73 6.46
CA ILE B 136 -19.03 -2.09 5.16
C ILE B 136 -20.10 -1.01 5.21
N GLU B 137 -19.68 0.22 5.47
CA GLU B 137 -20.59 1.32 5.82
C GLU B 137 -19.87 2.65 5.67
N ASP B 138 -20.63 3.71 5.44
CA ASP B 138 -20.09 5.06 5.50
C ASP B 138 -19.76 5.37 6.96
N ALA B 139 -18.49 5.70 7.27
CA ALA B 139 -18.16 5.86 8.67
C ALA B 139 -18.93 6.99 9.33
N SER B 140 -19.38 7.98 8.56
CA SER B 140 -20.19 9.05 9.11
C SER B 140 -21.49 8.51 9.68
N LYS B 141 -22.03 7.49 9.03
CA LYS B 141 -23.24 6.82 9.50
C LYS B 141 -22.91 5.86 10.64
N PHE B 142 -21.82 5.10 10.50
CA PHE B 142 -21.42 4.14 11.53
C PHE B 142 -21.24 4.83 12.89
N LEU B 143 -20.54 5.97 12.89
CA LEU B 143 -20.24 6.66 14.14
C LEU B 143 -21.46 7.36 14.75
N GLU B 144 -22.55 7.55 14.00
CA GLU B 144 -23.70 8.28 14.52
C GLU B 144 -24.22 7.67 15.81
N ASN B 145 -24.13 6.36 15.95
CA ASN B 145 -24.71 5.68 17.10
C ASN B 145 -23.69 4.76 17.75
N VAL B 146 -22.49 5.31 17.98
CA VAL B 146 -21.50 4.68 18.84
C VAL B 146 -21.13 5.72 19.89
N THR B 147 -21.13 5.31 21.15
CA THR B 147 -20.75 6.23 22.21
C THR B 147 -19.89 5.49 23.23
N ASN B 148 -18.82 6.16 23.69
CA ASN B 148 -18.10 5.68 24.86
C ASN B 148 -17.57 4.26 24.64
N THR B 149 -17.02 4.00 23.45
CA THR B 149 -16.62 2.65 23.06
C THR B 149 -15.12 2.53 22.83
N TYR B 150 -14.51 3.44 22.06
CA TYR B 150 -13.17 3.16 21.54
C TYR B 150 -12.09 3.85 22.36
N ASP B 151 -10.99 3.13 22.58
CA ASP B 151 -9.84 3.74 23.21
C ASP B 151 -9.00 4.55 22.23
N VAL B 152 -8.98 4.10 20.98
CA VAL B 152 -8.24 4.77 19.91
C VAL B 152 -9.10 4.70 18.66
N ILE B 153 -9.23 5.83 17.96
CA ILE B 153 -9.83 5.86 16.64
C ILE B 153 -8.78 6.42 15.67
N ILE B 154 -8.54 5.69 14.56
CA ILE B 154 -7.54 6.06 13.55
C ILE B 154 -8.29 6.35 12.26
N VAL B 155 -8.27 7.62 11.78
CA VAL B 155 -9.02 8.02 10.60
C VAL B 155 -8.08 7.97 9.40
N ASP B 156 -8.19 6.89 8.64
CA ASP B 156 -7.32 6.64 7.52
C ASP B 156 -8.15 6.77 6.26
N SER B 157 -8.58 8.01 5.98
CA SER B 157 -9.51 8.30 4.92
C SER B 157 -8.76 8.56 3.60
N SER B 158 -9.48 8.37 2.50
CA SER B 158 -9.09 9.02 1.25
C SER B 158 -9.44 10.52 1.35
N ASP B 159 -9.08 11.27 0.30
CA ASP B 159 -9.19 12.73 0.27
C ASP B 159 -10.66 13.17 0.15
N PRO B 160 -10.95 14.45 0.40
CA PRO B 160 -12.37 14.87 0.49
C PRO B 160 -13.16 14.78 -0.81
N ILE B 161 -12.52 14.69 -1.96
CA ILE B 161 -13.22 14.47 -3.23
C ILE B 161 -13.49 12.98 -3.37
N GLY B 162 -14.77 12.58 -3.29
CA GLY B 162 -15.09 11.16 -3.32
C GLY B 162 -15.91 10.76 -2.11
N PRO B 163 -15.95 9.47 -1.76
CA PRO B 163 -16.80 9.06 -0.62
C PRO B 163 -16.36 9.66 0.71
N ALA B 164 -15.12 10.12 0.83
CA ALA B 164 -14.64 10.66 2.11
C ALA B 164 -15.21 12.05 2.40
N GLU B 165 -16.04 12.59 1.51
CA GLU B 165 -16.54 13.95 1.68
C GLU B 165 -17.28 14.14 3.00
N THR B 166 -17.83 13.07 3.58
CA THR B 166 -18.55 13.11 4.85
C THR B 166 -17.65 13.12 6.08
N LEU B 167 -16.32 13.08 5.91
CA LEU B 167 -15.39 12.87 7.02
C LEU B 167 -14.58 14.11 7.41
N PHE B 168 -14.84 15.29 6.85
CA PHE B 168 -13.90 16.39 7.04
C PHE B 168 -14.57 17.64 7.64
N ASN B 169 -15.63 17.44 8.42
CA ASN B 169 -16.44 18.55 8.93
C ASN B 169 -16.49 18.49 10.45
N GLN B 170 -17.07 19.55 11.04
CA GLN B 170 -17.12 19.64 12.49
C GLN B 170 -18.01 18.53 13.09
N ASN B 171 -19.08 18.18 12.40
CA ASN B 171 -19.99 17.16 12.93
C ASN B 171 -19.29 15.81 13.06
N PHE B 172 -18.40 15.50 12.12
CA PHE B 172 -17.69 14.22 12.20
C PHE B 172 -16.83 14.17 13.45
N TYR B 173 -16.15 15.28 13.77
CA TYR B 173 -15.31 15.27 14.97
C TYR B 173 -16.15 15.23 16.24
N GLU B 174 -17.37 15.76 16.22
CA GLU B 174 -18.23 15.57 17.37
C GLU B 174 -18.55 14.09 17.55
N LYS B 175 -18.80 13.40 16.45
CA LYS B 175 -19.10 11.97 16.51
C LYS B 175 -17.88 11.20 17.02
N ILE B 176 -16.69 11.56 16.56
CA ILE B 176 -15.46 10.90 17.04
C ILE B 176 -15.34 11.09 18.53
N TYR B 177 -15.48 12.34 19.00
CA TYR B 177 -15.36 12.61 20.41
C TYR B 177 -16.32 11.73 21.21
N ASN B 178 -17.58 11.69 20.79
CA ASN B 178 -18.60 10.95 21.53
C ASN B 178 -18.34 9.44 21.49
N ALA B 179 -17.78 8.92 20.40
CA ALA B 179 -17.49 7.48 20.27
C ALA B 179 -16.32 7.00 21.12
N LEU B 180 -15.40 7.88 21.45
CA LEU B 180 -14.24 7.57 22.29
C LEU B 180 -14.60 7.44 23.77
N LYS B 181 -13.83 6.61 24.47
CA LYS B 181 -13.85 6.55 25.92
C LYS B 181 -13.42 7.90 26.52
N PRO B 182 -13.62 8.11 27.82
CA PRO B 182 -13.35 9.44 28.39
C PRO B 182 -11.89 9.86 28.25
N ASN B 183 -10.98 8.89 28.16
CA ASN B 183 -9.55 9.10 27.99
C ASN B 183 -9.06 8.60 26.62
N GLY B 184 -9.96 8.53 25.62
CA GLY B 184 -9.59 8.04 24.32
C GLY B 184 -8.85 9.08 23.45
N TYR B 185 -8.25 8.58 22.38
CA TYR B 185 -7.47 9.37 21.43
C TYR B 185 -7.97 9.17 20.01
N CYS B 186 -7.89 10.21 19.20
CA CYS B 186 -8.11 10.07 17.77
C CYS B 186 -6.90 10.58 17.02
N VAL B 187 -6.44 9.87 16.00
CA VAL B 187 -5.49 10.44 15.04
C VAL B 187 -6.10 10.38 13.66
N ALA B 188 -5.89 11.43 12.86
CA ALA B 188 -6.51 11.48 11.54
C ALA B 188 -5.51 12.01 10.53
N GLN B 189 -5.49 11.44 9.34
CA GLN B 189 -4.63 12.01 8.32
C GLN B 189 -5.07 13.42 7.97
N CYS B 190 -4.08 14.31 7.78
CA CYS B 190 -4.41 15.73 7.70
C CYS B 190 -3.43 16.36 6.70
N GLU B 191 -3.80 17.50 6.16
CA GLU B 191 -3.14 18.06 4.99
C GLU B 191 -1.63 18.16 5.14
N SER B 192 -0.94 18.17 3.99
CA SER B 192 0.50 18.47 3.98
C SER B 192 0.76 19.92 4.36
N LEU B 193 1.74 20.15 5.25
CA LEU B 193 2.05 21.52 5.64
C LEU B 193 2.61 22.38 4.52
N TRP B 194 3.01 21.79 3.40
CA TRP B 194 3.50 22.55 2.25
C TRP B 194 2.40 22.97 1.27
N ILE B 195 1.16 22.55 1.51
CA ILE B 195 0.07 22.74 0.53
C ILE B 195 -1.06 23.59 1.07
N HIS B 196 -1.72 23.13 2.12
CA HIS B 196 -2.97 23.75 2.59
C HIS B 196 -2.91 24.02 4.08
N VAL B 197 -2.09 25.00 4.48
CA VAL B 197 -2.05 25.34 5.90
C VAL B 197 -3.42 25.85 6.39
N GLY B 198 -4.19 26.52 5.52
CA GLY B 198 -5.51 26.97 5.93
C GLY B 198 -6.42 25.82 6.34
N THR B 199 -6.33 24.71 5.62
CA THR B 199 -7.10 23.52 5.97
C THR B 199 -6.61 22.90 7.28
N ILE B 200 -5.30 22.84 7.50
CA ILE B 200 -4.80 22.39 8.79
C ILE B 200 -5.34 23.25 9.93
N LYS B 201 -5.32 24.58 9.76
CA LYS B 201 -5.87 25.46 10.78
C LYS B 201 -7.38 25.19 11.00
N ASN B 202 -8.13 24.99 9.92
CA ASN B 202 -9.56 24.67 10.05
C ASN B 202 -9.77 23.40 10.86
N MET B 203 -9.00 22.34 10.57
CA MET B 203 -9.23 21.08 11.27
C MET B 203 -8.82 21.21 12.73
N ILE B 204 -7.68 21.85 13.00
CA ILE B 204 -7.28 22.04 14.38
C ILE B 204 -8.40 22.77 15.13
N GLY B 205 -9.00 23.77 14.48
CA GLY B 205 -10.12 24.49 15.07
C GLY B 205 -11.32 23.63 15.38
N TYR B 206 -11.79 22.84 14.40
CA TYR B 206 -12.86 21.87 14.66
C TYR B 206 -12.53 20.99 15.87
N ALA B 207 -11.31 20.45 15.93
CA ALA B 207 -10.99 19.55 17.03
C ALA B 207 -10.90 20.27 18.36
N LYS B 208 -10.36 21.50 18.37
CA LYS B 208 -10.16 22.19 19.64
C LYS B 208 -11.48 22.61 20.29
N LYS B 209 -12.58 22.66 19.54
CA LYS B 209 -13.88 22.90 20.17
C LYS B 209 -14.29 21.78 21.09
N LEU B 210 -13.72 20.59 20.91
CA LEU B 210 -14.15 19.40 21.63
C LEU B 210 -13.05 18.82 22.50
N PHE B 211 -11.82 18.71 21.99
CA PHE B 211 -10.73 18.00 22.64
C PHE B 211 -9.86 18.96 23.47
N LYS B 212 -9.44 18.48 24.65
CA LYS B 212 -8.57 19.28 25.51
C LYS B 212 -7.19 19.53 24.90
N LYS B 213 -6.68 18.62 24.08
CA LYS B 213 -5.35 18.79 23.49
C LYS B 213 -5.39 18.36 22.04
N VAL B 214 -4.92 19.23 21.16
CA VAL B 214 -4.91 18.99 19.71
C VAL B 214 -3.51 19.33 19.21
N GLU B 215 -2.87 18.35 18.58
CA GLU B 215 -1.47 18.49 18.14
C GLU B 215 -1.36 18.06 16.68
N TYR B 216 -0.23 18.38 16.06
CA TYR B 216 -0.06 18.06 14.64
C TYR B 216 1.36 17.53 14.43
N ALA B 217 1.47 16.37 13.74
CA ALA B 217 2.74 15.74 13.44
C ALA B 217 2.91 15.56 11.94
N ASN B 218 4.16 15.48 11.50
CA ASN B 218 4.47 15.29 10.09
C ASN B 218 5.16 13.94 9.85
N ILE B 219 4.79 13.30 8.72
CA ILE B 219 5.39 12.04 8.25
C ILE B 219 6.04 12.29 6.90
N SER B 220 7.27 11.81 6.73
CA SER B 220 7.92 11.83 5.42
C SER B 220 7.45 10.64 4.61
N ILE B 221 6.86 10.88 3.45
CA ILE B 221 6.46 9.76 2.60
C ILE B 221 6.41 10.24 1.15
N PRO B 222 7.27 9.71 0.28
CA PRO B 222 7.55 10.41 -0.98
C PRO B 222 6.38 10.42 -1.97
N THR B 223 5.46 9.45 -1.93
CA THR B 223 4.47 9.33 -2.98
C THR B 223 3.15 9.98 -2.60
N TYR B 224 3.12 10.78 -1.48
CA TYR B 224 2.00 11.71 -1.26
C TYR B 224 2.44 13.11 -1.68
N PRO B 225 1.49 13.96 -2.08
CA PRO B 225 1.90 15.24 -2.66
C PRO B 225 2.76 16.03 -1.69
N CYS B 226 3.87 16.58 -2.22
CA CYS B 226 4.87 17.33 -1.48
C CYS B 226 5.70 16.44 -0.61
N GLY B 227 5.50 15.11 -0.66
CA GLY B 227 6.43 14.20 0.01
C GLY B 227 6.21 14.10 1.51
N CYS B 228 5.06 14.55 2.01
CA CYS B 228 4.77 14.40 3.44
C CYS B 228 3.27 14.51 3.66
N ILE B 229 2.85 14.08 4.85
CA ILE B 229 1.43 14.16 5.22
C ILE B 229 1.37 14.34 6.72
N GLY B 230 0.35 15.03 7.18
CA GLY B 230 0.24 15.31 8.59
C GLY B 230 -0.67 14.34 9.32
N ILE B 231 -0.50 14.31 10.64
CA ILE B 231 -1.37 13.59 11.56
C ILE B 231 -2.00 14.59 12.48
N LEU B 232 -3.35 14.74 12.40
CA LEU B 232 -4.06 15.50 13.41
C LEU B 232 -4.29 14.65 14.65
N CYS B 233 -3.78 15.09 15.81
CA CYS B 233 -3.74 14.26 17.03
C CYS B 233 -4.64 14.86 18.10
N CYS B 234 -5.68 14.12 18.51
CA CYS B 234 -6.74 14.65 19.38
C CYS B 234 -6.78 13.83 20.67
N SER B 235 -6.64 14.49 21.79
CA SER B 235 -6.58 13.86 23.10
C SER B 235 -7.63 14.46 24.00
N LYS B 236 -8.30 13.60 24.78
CA LYS B 236 -9.24 14.08 25.78
C LYS B 236 -8.55 14.43 27.09
N THR B 237 -7.36 13.88 27.31
CA THR B 237 -6.54 14.23 28.46
C THR B 237 -5.73 15.50 28.17
N ASP B 238 -5.05 16.00 29.19
CA ASP B 238 -4.21 17.18 29.01
C ASP B 238 -2.81 16.84 28.49
N THR B 239 -2.44 15.57 28.53
CA THR B 239 -1.06 15.16 28.33
C THR B 239 -0.69 15.00 26.85
N GLY B 240 -1.68 14.72 25.99
CA GLY B 240 -1.46 14.67 24.55
C GLY B 240 -0.74 13.44 24.04
N LEU B 241 -0.33 13.54 22.77
CA LEU B 241 0.20 12.38 22.06
C LEU B 241 1.66 12.53 21.65
N THR B 242 2.39 13.55 22.12
CA THR B 242 3.77 13.71 21.64
C THR B 242 4.80 12.81 22.32
N LYS B 243 4.49 12.20 23.46
CA LYS B 243 5.48 11.43 24.21
C LYS B 243 4.97 10.01 24.41
N PRO B 244 5.63 9.00 23.87
CA PRO B 244 5.18 7.62 24.14
C PRO B 244 5.39 7.22 25.59
N ASN B 245 4.48 6.37 26.07
CA ASN B 245 4.47 5.79 27.41
C ASN B 245 5.15 4.45 27.46
N LYS B 246 5.36 3.82 26.30
CA LYS B 246 5.94 2.49 26.27
C LYS B 246 6.84 2.39 25.04
N LYS B 247 7.81 1.52 25.16
CA LYS B 247 8.70 1.19 24.05
C LYS B 247 8.24 -0.11 23.39
N LEU B 248 8.38 -0.18 22.06
CA LEU B 248 7.91 -1.36 21.30
C LEU B 248 9.04 -2.37 21.19
N GLU B 249 9.15 -3.20 22.22
CA GLU B 249 10.30 -4.08 22.39
C GLU B 249 10.02 -5.55 22.13
N SER B 250 8.76 -5.95 22.09
CA SER B 250 8.39 -7.35 21.86
C SER B 250 8.62 -7.73 20.41
N LYS B 251 8.62 -9.05 20.14
CA LYS B 251 9.06 -9.53 18.83
C LYS B 251 8.11 -9.13 17.69
N GLU B 252 6.84 -8.84 17.98
CA GLU B 252 5.94 -8.39 16.92
C GLU B 252 6.41 -7.08 16.31
N PHE B 253 7.24 -6.34 17.02
CA PHE B 253 7.64 -4.99 16.59
C PHE B 253 9.06 -4.96 16.08
N ALA B 254 9.70 -6.12 15.95
CA ALA B 254 11.13 -6.15 15.69
C ALA B 254 11.46 -5.57 14.32
N ASP B 255 10.56 -5.73 13.36
CA ASP B 255 10.81 -5.38 11.97
C ASP B 255 10.18 -4.03 11.59
N LEU B 256 9.83 -3.19 12.56
CA LEU B 256 9.37 -1.84 12.17
C LEU B 256 10.43 -1.19 11.29
N LYS B 257 9.98 -0.47 10.27
CA LYS B 257 10.89 0.16 9.33
C LYS B 257 10.95 1.69 9.42
N TYR B 258 10.04 2.33 10.15
CA TYR B 258 10.12 3.79 10.27
C TYR B 258 10.02 4.25 11.72
N TYR B 259 8.92 3.91 12.38
CA TYR B 259 8.67 4.37 13.76
C TYR B 259 9.74 3.87 14.73
N ASN B 260 10.16 4.75 15.64
CA ASN B 260 10.84 4.36 16.86
C ASN B 260 10.52 5.39 17.94
N TYR B 261 11.02 5.10 19.15
CA TYR B 261 10.73 5.91 20.31
C TYR B 261 11.10 7.38 20.10
N GLU B 262 12.29 7.62 19.53
CA GLU B 262 12.75 9.01 19.38
C GLU B 262 12.02 9.74 18.26
N ASN B 263 11.72 9.04 17.14
CA ASN B 263 11.14 9.86 16.09
C ASN B 263 9.66 10.04 16.26
N HIS B 264 9.06 9.31 17.22
CA HIS B 264 7.71 9.64 17.67
C HIS B 264 7.60 11.11 18.08
N SER B 265 8.45 11.54 19.01
CA SER B 265 8.32 12.92 19.46
C SER B 265 8.92 13.90 18.44
N ALA B 266 9.87 13.45 17.63
CA ALA B 266 10.47 14.34 16.63
C ALA B 266 9.44 14.75 15.57
N ALA B 267 8.46 13.88 15.30
CA ALA B 267 7.46 14.15 14.28
C ALA B 267 6.65 15.40 14.60
N PHE B 268 6.57 15.78 15.87
CA PHE B 268 5.79 16.94 16.29
C PHE B 268 6.61 18.24 16.29
N LYS B 269 7.87 18.19 15.91
CA LYS B 269 8.72 19.39 15.88
C LYS B 269 8.62 19.95 14.47
N LEU B 270 7.80 20.98 14.30
CA LEU B 270 7.32 21.43 13.00
C LEU B 270 8.10 22.67 12.53
N PRO B 271 8.23 22.90 11.22
CA PRO B 271 8.93 24.10 10.75
C PRO B 271 8.37 25.35 11.41
N ALA B 272 9.29 26.32 11.65
CA ALA B 272 8.89 27.56 12.31
C ALA B 272 7.67 28.22 11.69
N PHE B 273 7.54 28.23 10.35
CA PHE B 273 6.42 29.00 9.79
C PHE B 273 5.08 28.36 10.13
N LEU B 274 5.02 27.03 10.22
CA LEU B 274 3.75 26.36 10.55
C LEU B 274 3.41 26.58 12.01
N LEU B 275 4.42 26.50 12.88
CA LEU B 275 4.25 26.80 14.30
C LEU B 275 3.62 28.17 14.48
N LYS B 276 4.14 29.17 13.75
CA LYS B 276 3.57 30.51 13.86
C LYS B 276 2.10 30.53 13.44
N GLU B 277 1.76 29.85 12.34
CA GLU B 277 0.37 29.85 11.88
C GLU B 277 -0.57 29.10 12.83
N ILE B 278 -0.11 28.04 13.47
CA ILE B 278 -0.96 27.25 14.36
C ILE B 278 -1.15 27.92 15.71
N GLU B 279 -0.04 28.18 16.42
CA GLU B 279 -0.06 29.13 17.53
C GLU B 279 -0.62 30.42 16.95
N ASN B 280 -1.94 30.53 16.86
CA ASN B 280 -2.56 31.43 15.89
C ASN B 280 -1.93 32.82 15.87
N LYS C 1 -0.84 25.91 -21.19
CA LYS C 1 0.41 26.03 -20.41
C LYS C 1 1.22 24.75 -20.40
N LYS C 2 2.54 24.88 -20.52
CA LYS C 2 3.43 23.73 -20.51
C LYS C 2 3.85 23.38 -19.07
N TRP C 3 4.44 22.19 -18.95
CA TRP C 3 4.93 21.69 -17.68
C TRP C 3 6.42 21.44 -17.76
N PHE C 4 7.12 21.70 -16.66
CA PHE C 4 8.50 21.26 -16.50
C PHE C 4 8.48 19.96 -15.70
N SER C 5 9.19 18.95 -16.19
CA SER C 5 9.25 17.64 -15.52
C SER C 5 10.70 17.30 -15.22
N GLU C 6 10.95 16.81 -14.01
CA GLU C 6 12.32 16.57 -13.55
C GLU C 6 12.61 15.07 -13.62
N PHE C 7 13.10 14.64 -14.78
CA PHE C 7 13.46 13.25 -15.01
C PHE C 7 14.96 13.11 -14.80
N SER C 8 15.37 11.99 -14.19
CA SER C 8 16.81 11.79 -13.99
C SER C 8 17.14 10.32 -13.78
N ILE C 9 18.30 9.90 -14.29
CA ILE C 9 18.81 8.56 -13.98
C ILE C 9 19.17 8.41 -12.51
N MET C 10 19.33 9.53 -11.79
CA MET C 10 19.52 9.46 -10.34
C MET C 10 18.23 9.16 -9.57
N TRP C 11 17.05 9.26 -10.19
CA TRP C 11 15.81 8.81 -9.55
C TRP C 11 14.95 8.16 -10.61
N PRO C 12 15.33 6.98 -11.06
CA PRO C 12 14.59 6.33 -12.14
C PRO C 12 13.17 6.00 -11.75
N GLY C 13 12.28 6.11 -12.73
CA GLY C 13 10.91 5.68 -12.56
C GLY C 13 10.01 6.61 -11.80
N GLN C 14 10.49 7.83 -11.44
CA GLN C 14 9.66 8.82 -10.79
C GLN C 14 9.97 10.21 -11.37
N ALA C 15 8.99 11.09 -11.31
CA ALA C 15 9.25 12.48 -11.72
C ALA C 15 8.28 13.43 -11.06
N PHE C 16 8.81 14.56 -10.62
CA PHE C 16 8.02 15.66 -10.13
C PHE C 16 7.91 16.69 -11.24
N SER C 17 6.73 17.31 -11.36
CA SER C 17 6.49 18.30 -12.42
C SER C 17 5.90 19.57 -11.84
N LEU C 18 6.28 20.71 -12.46
CA LEU C 18 5.73 22.02 -12.11
C LEU C 18 5.17 22.70 -13.36
N LYS C 19 3.98 23.30 -13.21
CA LYS C 19 3.38 24.04 -14.31
C LYS C 19 4.12 25.36 -14.50
N ILE C 20 4.42 25.68 -15.75
CA ILE C 20 5.26 26.82 -16.14
C ILE C 20 4.35 28.01 -16.43
N LYS C 21 4.54 29.10 -15.69
CA LYS C 21 3.87 30.35 -16.04
C LYS C 21 4.59 31.03 -17.20
N LYS C 22 5.92 31.11 -17.13
CA LYS C 22 6.69 31.61 -18.27
C LYS C 22 8.15 31.23 -18.09
N ILE C 23 8.80 30.93 -19.19
CA ILE C 23 10.25 30.74 -19.20
C ILE C 23 10.92 32.10 -19.15
N LEU C 24 11.93 32.24 -18.30
CA LEU C 24 12.61 33.51 -18.12
C LEU C 24 14.00 33.55 -18.75
N TYR C 25 14.74 32.44 -18.71
CA TYR C 25 16.13 32.45 -19.14
C TYR C 25 16.59 31.01 -19.39
N GLU C 26 17.28 30.78 -20.51
CA GLU C 26 17.93 29.51 -20.76
C GLU C 26 19.25 29.80 -21.44
N THR C 27 20.29 29.08 -21.03
CA THR C 27 21.60 29.24 -21.65
C THR C 27 22.41 27.99 -21.33
N LYS C 28 23.42 27.76 -22.12
CA LYS C 28 24.38 26.69 -21.85
C LYS C 28 25.65 27.38 -21.38
N SER C 29 26.01 27.19 -20.12
CA SER C 29 27.21 27.84 -19.63
C SER C 29 28.42 26.99 -20.00
N LYS C 30 29.59 27.37 -19.49
CA LYS C 30 30.78 26.56 -19.69
C LYS C 30 30.61 25.17 -19.11
N TYR C 31 29.72 25.03 -18.12
CA TYR C 31 29.61 23.79 -17.35
C TYR C 31 28.27 23.11 -17.39
N GLN C 32 27.19 23.83 -17.64
CA GLN C 32 25.92 23.13 -17.47
C GLN C 32 24.81 23.91 -18.16
N ASN C 33 23.68 23.23 -18.36
CA ASN C 33 22.49 23.85 -18.94
C ASN C 33 21.73 24.58 -17.84
N VAL C 34 21.48 25.88 -18.01
CA VAL C 34 20.87 26.72 -17.01
C VAL C 34 19.48 27.09 -17.50
N LEU C 35 18.48 26.87 -16.65
CA LEU C 35 17.11 27.23 -16.94
C LEU C 35 16.50 27.97 -15.76
N VAL C 36 15.83 29.09 -16.03
CA VAL C 36 15.07 29.80 -15.02
C VAL C 36 13.66 29.95 -15.57
N PHE C 37 12.66 29.61 -14.77
CA PHE C 37 11.29 29.81 -15.21
C PHE C 37 10.45 30.20 -14.02
N GLU C 38 9.35 30.90 -14.29
CA GLU C 38 8.38 31.20 -13.25
C GLU C 38 7.33 30.07 -13.25
N SER C 39 7.19 29.40 -12.12
CA SER C 39 6.16 28.38 -12.00
C SER C 39 4.85 29.03 -11.57
N THR C 40 3.74 28.28 -11.70
CA THR C 40 2.47 28.88 -11.31
C THR C 40 2.29 28.90 -9.80
N THR C 41 2.89 27.98 -9.03
CA THR C 41 2.59 28.01 -7.60
C THR C 41 3.80 27.97 -6.68
N TYR C 42 5.03 27.81 -7.21
CA TYR C 42 6.23 27.84 -6.37
C TYR C 42 7.11 29.05 -6.67
N GLY C 43 6.60 30.03 -7.42
CA GLY C 43 7.54 31.12 -7.70
C GLY C 43 8.55 30.78 -8.79
N LYS C 44 9.63 31.61 -8.84
CA LYS C 44 10.69 31.34 -9.81
C LYS C 44 11.48 30.10 -9.38
N VAL C 45 11.97 29.41 -10.40
CA VAL C 45 12.64 28.11 -10.24
C VAL C 45 13.96 28.16 -11.01
N LEU C 46 15.05 27.70 -10.37
CA LEU C 46 16.38 27.57 -10.97
C LEU C 46 16.64 26.07 -11.25
N VAL C 47 17.02 25.75 -12.48
CA VAL C 47 17.24 24.37 -12.94
C VAL C 47 18.65 24.26 -13.55
N LEU C 48 19.42 23.26 -13.11
CA LEU C 48 20.74 23.02 -13.69
C LEU C 48 20.78 21.59 -14.23
N ASP C 49 21.14 21.43 -15.51
CA ASP C 49 21.17 20.12 -16.16
C ASP C 49 19.87 19.32 -15.88
N GLY C 50 18.72 20.02 -15.98
CA GLY C 50 17.42 19.37 -15.83
C GLY C 50 16.99 19.06 -14.41
N VAL C 51 17.78 19.46 -13.40
CA VAL C 51 17.51 19.20 -11.98
C VAL C 51 17.17 20.50 -11.25
N ILE C 52 16.01 20.51 -10.57
CA ILE C 52 15.58 21.65 -9.75
C ILE C 52 16.62 21.93 -8.68
N GLN C 53 17.18 23.14 -8.69
CA GLN C 53 18.10 23.58 -7.65
C GLN C 53 17.38 24.28 -6.53
N LEU C 54 16.38 25.12 -6.85
CA LEU C 54 15.62 25.79 -5.80
C LEU C 54 14.37 26.39 -6.41
N THR C 55 13.45 26.66 -5.54
CA THR C 55 12.26 27.45 -5.89
C THR C 55 12.09 28.51 -4.81
N GLU C 56 11.43 29.63 -5.19
CA GLU C 56 11.29 30.69 -4.20
C GLU C 56 10.47 30.25 -2.99
N LYS C 57 9.49 29.37 -3.19
CA LYS C 57 8.50 29.05 -2.15
C LYS C 57 9.12 28.29 -0.98
N ASP C 58 10.05 27.35 -1.24
CA ASP C 58 10.55 26.44 -0.19
C ASP C 58 12.04 26.49 0.02
N GLU C 59 12.79 27.36 -0.68
CA GLU C 59 14.25 27.29 -0.53
C GLU C 59 14.73 27.58 0.90
N PHE C 60 13.95 28.32 1.70
CA PHE C 60 14.36 28.61 3.06
C PHE C 60 14.59 27.31 3.86
N ALA C 61 13.83 26.25 3.61
CA ALA C 61 14.01 25.04 4.42
C ALA C 61 15.42 24.51 4.29
N TYR C 62 15.91 24.38 3.06
CA TYR C 62 17.24 23.86 2.79
C TYR C 62 18.33 24.85 3.24
N HIS C 63 18.19 26.13 2.88
CA HIS C 63 19.27 27.04 3.20
C HIS C 63 19.37 27.29 4.71
N GLU C 64 18.25 27.28 5.42
CA GLU C 64 18.30 27.53 6.86
C GLU C 64 18.88 26.31 7.59
N MET C 65 18.41 25.10 7.26
CA MET C 65 18.95 23.93 7.95
C MET C 65 20.43 23.73 7.64
N MET C 66 20.84 23.87 6.38
CA MET C 66 22.24 23.67 6.02
C MET C 66 23.16 24.66 6.75
N THR C 67 22.67 25.87 7.01
CA THR C 67 23.54 26.90 7.57
C THR C 67 23.48 26.87 9.09
N HIS C 68 22.27 26.84 9.65
CA HIS C 68 22.12 27.09 11.08
C HIS C 68 22.42 25.86 11.94
N VAL C 69 22.43 24.65 11.37
CA VAL C 69 22.91 23.48 12.12
C VAL C 69 24.37 23.67 12.50
N PRO C 70 25.32 23.88 11.58
CA PRO C 70 26.71 24.01 12.03
C PRO C 70 26.96 25.36 12.69
N MET C 71 26.25 26.42 12.28
CA MET C 71 26.63 27.75 12.82
C MET C 71 26.11 27.96 14.24
N THR C 72 25.14 27.15 14.70
CA THR C 72 24.75 27.24 16.10
C THR C 72 25.54 26.30 16.98
N VAL C 73 26.30 25.38 16.41
CA VAL C 73 27.13 24.48 17.18
C VAL C 73 28.54 25.03 17.33
N SER C 74 29.13 25.47 16.23
CA SER C 74 30.43 26.13 16.32
C SER C 74 30.30 27.35 17.24
N LYS C 75 31.24 27.47 18.21
CA LYS C 75 31.10 28.48 19.27
C LYS C 75 31.38 29.88 18.75
N GLU C 76 32.49 30.07 18.05
CA GLU C 76 32.91 31.39 17.59
C GLU C 76 33.37 31.31 16.14
N PRO C 77 32.48 30.89 15.24
CA PRO C 77 32.87 30.76 13.83
C PRO C 77 33.24 32.12 13.27
N LYS C 78 34.48 32.26 12.81
CA LYS C 78 34.90 33.53 12.24
C LYS C 78 35.10 33.47 10.73
N ASN C 79 35.54 32.33 10.20
CA ASN C 79 35.84 32.20 8.76
C ASN C 79 35.10 30.99 8.21
N VAL C 80 34.21 31.21 7.24
CA VAL C 80 33.34 30.13 6.75
C VAL C 80 33.55 30.03 5.25
N LEU C 81 33.57 28.80 4.74
CA LEU C 81 33.65 28.53 3.31
C LEU C 81 32.34 27.90 2.85
N VAL C 82 31.78 28.42 1.74
CA VAL C 82 30.67 27.76 1.02
C VAL C 82 31.23 27.15 -0.25
N VAL C 83 31.04 25.85 -0.42
CA VAL C 83 31.39 25.18 -1.65
C VAL C 83 30.13 25.09 -2.50
N GLY C 84 30.25 25.48 -3.76
CA GLY C 84 29.07 25.56 -4.63
C GLY C 84 28.23 26.78 -4.21
N GLY C 85 26.92 26.58 -4.08
CA GLY C 85 26.09 27.67 -3.50
C GLY C 85 25.99 28.94 -4.33
N GLY C 86 26.10 28.84 -5.66
CA GLY C 86 26.14 30.05 -6.49
C GLY C 86 24.90 30.91 -6.41
N ASP C 87 23.76 30.35 -6.01
CA ASP C 87 22.54 31.17 -5.89
C ASP C 87 22.62 32.16 -4.74
N GLY C 88 23.50 31.95 -3.77
CA GLY C 88 23.68 32.82 -2.61
C GLY C 88 22.90 32.48 -1.36
N GLY C 89 22.04 31.44 -1.38
CA GLY C 89 21.17 31.22 -0.25
C GLY C 89 21.92 30.99 1.05
N ILE C 90 22.95 30.14 1.01
CA ILE C 90 23.74 29.89 2.21
C ILE C 90 24.39 31.18 2.67
N ILE C 91 24.99 31.92 1.73
CA ILE C 91 25.59 33.24 2.04
C ILE C 91 24.60 34.15 2.75
N ARG C 92 23.35 34.21 2.24
CA ARG C 92 22.34 35.04 2.88
C ARG C 92 22.15 34.64 4.35
N GLU C 93 22.10 33.32 4.63
CA GLU C 93 21.91 32.89 6.00
C GLU C 93 23.14 33.17 6.86
N LEU C 94 24.34 32.98 6.30
CA LEU C 94 25.58 33.26 7.03
C LEU C 94 25.70 34.75 7.41
N CYS C 95 25.25 35.66 6.54
CA CYS C 95 25.42 37.10 6.83
C CYS C 95 24.64 37.54 8.04
N LYS C 96 23.61 36.80 8.44
CA LYS C 96 22.84 37.12 9.63
C LYS C 96 23.67 37.05 10.90
N TYR C 97 24.80 36.34 10.88
CA TYR C 97 25.71 36.25 12.02
C TYR C 97 26.67 37.43 11.94
N LYS C 98 26.37 38.48 12.71
CA LYS C 98 27.24 39.66 12.70
C LYS C 98 28.66 39.31 13.12
N SER C 99 28.85 38.24 13.91
CA SER C 99 30.19 37.94 14.43
C SER C 99 31.09 37.25 13.41
N VAL C 100 30.54 36.72 12.31
CA VAL C 100 31.37 36.19 11.24
C VAL C 100 32.26 37.31 10.67
N GLU C 101 33.54 37.00 10.45
CA GLU C 101 34.48 37.96 9.89
C GLU C 101 34.70 37.80 8.39
N ASN C 102 34.63 36.58 7.87
CA ASN C 102 34.94 36.35 6.47
C ASN C 102 34.07 35.19 5.97
N ILE C 103 33.58 35.32 4.73
CA ILE C 103 32.83 34.26 4.05
C ILE C 103 33.46 34.07 2.67
N ASP C 104 34.09 32.93 2.45
CA ASP C 104 34.58 32.60 1.11
C ASP C 104 33.52 31.74 0.44
N ILE C 105 33.36 31.89 -0.87
CA ILE C 105 32.50 30.98 -1.62
C ILE C 105 33.25 30.57 -2.88
N CYS C 106 33.33 29.25 -3.12
CA CYS C 106 33.99 28.68 -4.28
C CYS C 106 32.94 28.02 -5.14
N GLU C 107 32.58 28.69 -6.25
CA GLU C 107 31.53 28.26 -7.17
C GLU C 107 32.19 28.06 -8.52
N ILE C 108 32.00 26.90 -9.13
CA ILE C 108 32.66 26.61 -10.39
C ILE C 108 32.06 27.39 -11.57
N ASP C 109 30.77 27.71 -11.52
CA ASP C 109 30.04 28.22 -12.69
C ASP C 109 29.60 29.65 -12.43
N GLU C 110 30.36 30.61 -12.98
CA GLU C 110 30.06 32.01 -12.73
C GLU C 110 28.68 32.40 -13.24
N THR C 111 28.21 31.73 -14.29
CA THR C 111 26.88 32.04 -14.83
C THR C 111 25.80 31.86 -13.79
N VAL C 112 25.96 30.90 -12.88
CA VAL C 112 24.94 30.68 -11.86
C VAL C 112 24.82 31.90 -10.95
N ILE C 113 25.94 32.50 -10.55
CA ILE C 113 25.91 33.69 -9.71
C ILE C 113 25.25 34.84 -10.47
N GLU C 114 25.62 35.01 -11.75
CA GLU C 114 25.05 36.11 -12.53
C GLU C 114 23.54 35.97 -12.61
N VAL C 115 23.06 34.76 -12.92
CA VAL C 115 21.63 34.50 -13.11
C VAL C 115 20.88 34.70 -11.81
N SER C 116 21.52 34.38 -10.68
CA SER C 116 20.86 34.52 -9.39
C SER C 116 20.75 35.97 -8.96
N LYS C 117 21.73 36.79 -9.38
CA LYS C 117 21.62 38.23 -9.16
C LYS C 117 20.51 38.84 -10.00
N ILE C 118 20.25 38.29 -11.18
CA ILE C 118 19.21 38.84 -12.06
C ILE C 118 17.83 38.41 -11.58
N TYR C 119 17.65 37.12 -11.30
CA TYR C 119 16.32 36.56 -11.12
C TYR C 119 15.95 36.16 -9.70
N PHE C 120 16.89 36.16 -8.75
CA PHE C 120 16.62 35.67 -7.39
C PHE C 120 17.20 36.63 -6.36
N LYS C 121 16.77 37.91 -6.43
CA LYS C 121 17.38 38.92 -5.59
C LYS C 121 17.12 38.69 -4.12
N ASN C 122 16.05 37.95 -3.76
CA ASN C 122 15.82 37.63 -2.36
C ASN C 122 16.71 36.50 -1.87
N ILE C 123 17.42 35.86 -2.78
CA ILE C 123 18.33 34.77 -2.43
C ILE C 123 19.79 35.22 -2.52
N SER C 124 20.11 36.08 -3.49
CA SER C 124 21.49 36.46 -3.81
C SER C 124 21.91 37.80 -3.19
N CYS C 125 21.11 38.35 -2.27
CA CYS C 125 21.41 39.67 -1.73
C CYS C 125 22.69 39.70 -0.91
N GLY C 126 23.14 38.54 -0.40
CA GLY C 126 24.33 38.50 0.41
C GLY C 126 25.62 38.80 -0.33
N TYR C 127 25.61 38.78 -1.67
CA TYR C 127 26.85 39.05 -2.37
C TYR C 127 27.31 40.49 -2.15
N GLU C 128 26.40 41.34 -1.68
CA GLU C 128 26.72 42.75 -1.41
C GLU C 128 27.42 42.95 -0.06
N ASP C 129 27.48 41.92 0.77
CA ASP C 129 28.12 42.04 2.06
C ASP C 129 29.64 42.06 1.88
N LYS C 130 30.29 43.05 2.54
CA LYS C 130 31.72 43.27 2.42
C LYS C 130 32.57 42.11 2.93
N ARG C 131 31.99 41.17 3.68
CA ARG C 131 32.75 40.02 4.16
C ARG C 131 32.85 38.89 3.15
N VAL C 132 32.15 38.99 2.02
CA VAL C 132 32.00 37.87 1.10
C VAL C 132 33.05 37.99 -0.01
N ASN C 133 33.79 36.91 -0.22
CA ASN C 133 34.81 36.82 -1.26
C ASN C 133 34.51 35.65 -2.18
N VAL C 134 34.48 35.90 -3.48
CA VAL C 134 34.04 34.93 -4.49
C VAL C 134 35.23 34.37 -5.24
N PHE C 135 35.28 33.05 -5.36
CA PHE C 135 36.29 32.36 -6.16
C PHE C 135 35.57 31.50 -7.18
N ILE C 136 35.96 31.64 -8.44
CA ILE C 136 35.35 30.90 -9.52
C ILE C 136 36.28 29.74 -9.85
N GLU C 137 35.97 28.55 -9.34
CA GLU C 137 36.94 27.47 -9.43
C GLU C 137 36.23 26.18 -9.00
N ASP C 138 36.78 25.05 -9.46
CA ASP C 138 36.35 23.75 -8.94
C ASP C 138 36.84 23.65 -7.50
N ALA C 139 35.92 23.43 -6.55
CA ALA C 139 36.33 23.48 -5.14
C ALA C 139 37.33 22.37 -4.83
N SER C 140 37.28 21.28 -5.59
CA SER C 140 38.29 20.22 -5.47
C SER C 140 39.70 20.76 -5.68
N LYS C 141 39.86 21.68 -6.62
CA LYS C 141 41.16 22.33 -6.87
C LYS C 141 41.44 23.43 -5.84
N PHE C 142 40.43 24.28 -5.56
CA PHE C 142 40.58 25.36 -4.61
C PHE C 142 41.11 24.89 -3.28
N LEU C 143 40.61 23.73 -2.81
CA LEU C 143 41.02 23.32 -1.47
C LEU C 143 42.37 22.61 -1.44
N GLU C 144 42.97 22.35 -2.61
CA GLU C 144 44.21 21.57 -2.67
C GLU C 144 45.26 22.05 -1.68
N ASN C 145 45.50 23.34 -1.61
CA ASN C 145 46.56 23.62 -0.65
C ASN C 145 46.07 24.60 0.41
N VAL C 146 44.88 24.32 0.94
CA VAL C 146 44.29 25.09 2.00
C VAL C 146 44.32 24.25 3.28
N THR C 147 44.85 24.83 4.34
CA THR C 147 45.11 24.11 5.58
C THR C 147 44.71 24.97 6.77
N ASN C 148 43.97 24.40 7.72
CA ASN C 148 43.82 24.96 9.06
C ASN C 148 43.26 26.39 9.00
N THR C 149 42.21 26.57 8.18
CA THR C 149 41.75 27.89 7.77
C THR C 149 40.29 28.16 8.16
N TYR C 150 39.39 27.20 8.00
CA TYR C 150 37.94 27.47 8.15
C TYR C 150 37.39 26.86 9.43
N ASP C 151 36.49 27.61 10.09
CA ASP C 151 35.74 27.12 11.24
C ASP C 151 34.61 26.21 10.78
N VAL C 152 33.97 26.55 9.66
CA VAL C 152 32.86 25.76 9.11
C VAL C 152 33.04 25.72 7.61
N ILE C 153 32.77 24.57 7.00
CA ILE C 153 32.67 24.45 5.56
C ILE C 153 31.29 23.88 5.23
N ILE C 154 30.54 24.57 4.36
CA ILE C 154 29.20 24.11 3.96
C ILE C 154 29.25 23.73 2.49
N VAL C 155 28.96 22.47 2.18
CA VAL C 155 29.09 21.98 0.80
C VAL C 155 27.68 21.96 0.22
N ASP C 156 27.34 23.06 -0.45
CA ASP C 156 26.02 23.20 -1.07
C ASP C 156 26.15 22.90 -2.55
N SER C 157 26.30 21.61 -2.88
CA SER C 157 26.58 21.20 -4.23
C SER C 157 25.33 20.79 -5.01
N SER C 158 25.46 20.82 -6.33
CA SER C 158 24.53 20.11 -7.19
C SER C 158 24.77 18.59 -7.04
N ASP C 159 24.06 17.80 -7.83
CA ASP C 159 24.13 16.33 -7.73
C ASP C 159 25.40 15.79 -8.35
N PRO C 160 25.77 14.54 -8.01
CA PRO C 160 27.08 14.02 -8.46
C PRO C 160 27.20 13.89 -9.96
N ILE C 161 26.11 13.96 -10.72
CA ILE C 161 26.18 13.96 -12.17
C ILE C 161 26.32 15.39 -12.66
N GLY C 162 27.46 15.71 -13.29
CA GLY C 162 27.78 17.06 -13.67
C GLY C 162 29.05 17.49 -12.97
N PRO C 163 29.30 18.80 -12.89
CA PRO C 163 30.58 19.27 -12.32
C PRO C 163 30.77 18.94 -10.85
N ALA C 164 29.70 18.60 -10.12
CA ALA C 164 29.87 18.24 -8.71
C ALA C 164 30.42 16.82 -8.54
N GLU C 165 30.69 16.10 -9.62
CA GLU C 165 31.24 14.74 -9.48
C GLU C 165 32.55 14.75 -8.71
N THR C 166 33.29 15.86 -8.73
CA THR C 166 34.58 15.89 -8.01
C THR C 166 34.40 16.09 -6.50
N LEU C 167 33.17 16.28 -6.03
CA LEU C 167 32.91 16.62 -4.65
C LEU C 167 32.37 15.45 -3.85
N PHE C 168 32.16 14.29 -4.48
CA PHE C 168 31.54 13.14 -3.83
C PHE C 168 32.52 11.98 -3.80
N ASN C 169 33.68 12.21 -3.21
CA ASN C 169 34.65 11.12 -3.11
C ASN C 169 35.55 11.32 -1.90
N GLN C 170 36.32 10.29 -1.60
CA GLN C 170 37.18 10.33 -0.42
C GLN C 170 38.20 11.46 -0.51
N ASN C 171 38.81 11.67 -1.69
CA ASN C 171 39.83 12.70 -1.82
C ASN C 171 39.29 14.08 -1.44
N PHE C 172 38.07 14.39 -1.86
CA PHE C 172 37.55 15.71 -1.52
C PHE C 172 37.38 15.85 -0.02
N TYR C 173 36.93 14.79 0.65
CA TYR C 173 36.75 14.91 2.09
C TYR C 173 38.09 15.02 2.82
N GLU C 174 39.17 14.43 2.27
CA GLU C 174 40.51 14.67 2.84
C GLU C 174 40.87 16.15 2.76
N LYS C 175 40.52 16.81 1.66
CA LYS C 175 40.79 18.24 1.52
C LYS C 175 39.94 19.07 2.46
N ILE C 176 38.65 18.73 2.60
CA ILE C 176 37.80 19.42 3.58
C ILE C 176 38.41 19.32 4.96
N TYR C 177 38.79 18.09 5.36
CA TYR C 177 39.28 17.85 6.72
C TYR C 177 40.52 18.72 6.99
N ASN C 178 41.44 18.74 6.03
CA ASN C 178 42.71 19.49 6.17
C ASN C 178 42.47 20.99 6.19
N ALA C 179 41.46 21.48 5.43
CA ALA C 179 41.19 22.90 5.35
C ALA C 179 40.49 23.44 6.58
N LEU C 180 39.79 22.58 7.33
CA LEU C 180 39.17 22.98 8.59
C LEU C 180 40.21 23.19 9.69
N LYS C 181 39.87 24.08 10.62
CA LYS C 181 40.57 24.20 11.90
C LYS C 181 40.42 22.93 12.74
N PRO C 182 41.16 22.83 13.84
CA PRO C 182 41.21 21.54 14.57
C PRO C 182 39.89 21.16 15.23
N ASN C 183 39.04 22.14 15.53
CA ASN C 183 37.68 21.88 16.00
C ASN C 183 36.64 22.37 15.00
N GLY C 184 36.97 22.33 13.71
CA GLY C 184 36.03 22.79 12.70
C GLY C 184 34.96 21.73 12.39
N TYR C 185 33.95 22.19 11.64
CA TYR C 185 32.80 21.37 11.22
C TYR C 185 32.57 21.46 9.72
N CYS C 186 32.09 20.36 9.12
CA CYS C 186 31.63 20.41 7.75
C CYS C 186 30.23 19.84 7.67
N VAL C 187 29.37 20.50 6.92
CA VAL C 187 28.10 19.87 6.52
C VAL C 187 28.04 19.85 5.00
N ALA C 188 27.37 18.85 4.45
CA ALA C 188 27.33 18.66 3.00
C ALA C 188 25.94 18.15 2.60
N GLN C 189 25.43 18.62 1.47
CA GLN C 189 24.21 18.05 0.90
C GLN C 189 24.45 16.55 0.62
N CYS C 190 23.49 15.72 1.04
CA CYS C 190 23.71 14.27 0.93
C CYS C 190 22.43 13.54 0.64
N GLU C 191 21.63 14.09 -0.26
CA GLU C 191 20.66 13.36 -1.08
C GLU C 191 19.51 12.79 -0.25
N SER C 192 18.67 11.92 -0.83
CA SER C 192 17.41 11.56 -0.19
C SER C 192 17.45 10.14 0.38
N LEU C 193 17.07 10.01 1.66
CA LEU C 193 17.08 8.68 2.28
C LEU C 193 16.08 7.73 1.64
N TRP C 194 15.12 8.20 0.84
CA TRP C 194 14.16 7.27 0.24
C TRP C 194 14.70 6.58 -1.00
N ILE C 195 15.76 7.11 -1.65
CA ILE C 195 16.23 6.49 -2.89
C ILE C 195 17.74 6.41 -3.03
N HIS C 196 18.51 7.10 -2.17
CA HIS C 196 19.93 7.27 -2.35
C HIS C 196 20.73 6.63 -1.22
N VAL C 197 20.22 5.54 -0.63
CA VAL C 197 20.92 4.99 0.54
C VAL C 197 22.33 4.53 0.18
N GLY C 198 22.55 4.06 -1.05
CA GLY C 198 23.89 3.69 -1.47
C GLY C 198 24.87 4.87 -1.45
N THR C 199 24.41 6.03 -1.95
CA THR C 199 25.25 7.24 -1.89
C THR C 199 25.45 7.69 -0.45
N ILE C 200 24.40 7.65 0.34
CA ILE C 200 24.50 8.04 1.75
C ILE C 200 25.54 7.17 2.45
N LYS C 201 25.44 5.84 2.30
CA LYS C 201 26.45 4.96 2.93
C LYS C 201 27.86 5.27 2.45
N ASN C 202 28.05 5.46 1.14
CA ASN C 202 29.41 5.78 0.67
C ASN C 202 29.94 7.06 1.31
N MET C 203 29.10 8.10 1.37
CA MET C 203 29.58 9.38 1.82
C MET C 203 29.86 9.39 3.31
N ILE C 204 28.98 8.74 4.09
CA ILE C 204 29.24 8.62 5.51
C ILE C 204 30.55 7.85 5.70
N GLY C 205 30.75 6.80 4.91
CA GLY C 205 31.99 6.03 4.98
C GLY C 205 33.22 6.86 4.69
N TYR C 206 33.17 7.72 3.65
CA TYR C 206 34.32 8.60 3.43
C TYR C 206 34.57 9.52 4.61
N ALA C 207 33.50 10.05 5.20
CA ALA C 207 33.70 11.00 6.30
C ALA C 207 34.22 10.28 7.55
N LYS C 208 33.78 9.05 7.78
CA LYS C 208 34.16 8.35 9.00
C LYS C 208 35.62 7.98 9.00
N LYS C 209 36.25 7.95 7.83
CA LYS C 209 37.69 7.65 7.81
C LYS C 209 38.52 8.79 8.38
N LEU C 210 37.93 9.99 8.52
CA LEU C 210 38.64 11.19 8.90
C LEU C 210 38.11 11.81 10.18
N PHE C 211 36.78 11.94 10.32
CA PHE C 211 36.17 12.72 11.37
C PHE C 211 35.77 11.84 12.56
N LYS C 212 35.99 12.37 13.76
CA LYS C 212 35.60 11.69 14.99
C LYS C 212 34.10 11.36 15.04
N LYS C 213 33.25 12.28 14.61
CA LYS C 213 31.80 12.06 14.73
C LYS C 213 31.13 12.40 13.40
N VAL C 214 30.35 11.47 12.84
CA VAL C 214 29.69 11.68 11.56
C VAL C 214 28.22 11.34 11.74
N GLU C 215 27.35 12.31 11.43
CA GLU C 215 25.91 12.20 11.68
C GLU C 215 25.16 12.58 10.41
N TYR C 216 23.85 12.35 10.41
CA TYR C 216 23.05 12.59 9.22
C TYR C 216 21.70 13.16 9.67
N ALA C 217 21.29 14.29 9.07
CA ALA C 217 20.02 14.93 9.39
C ALA C 217 19.17 15.05 8.13
N ASN C 218 17.85 15.09 8.32
CA ASN C 218 16.92 15.12 7.20
C ASN C 218 16.11 16.42 7.21
N ILE C 219 15.87 16.96 6.01
CA ILE C 219 15.10 18.21 5.80
C ILE C 219 13.88 17.90 4.95
N SER C 220 12.72 18.46 5.33
CA SER C 220 11.49 18.39 4.53
C SER C 220 11.48 19.54 3.53
N ILE C 221 11.44 19.20 2.24
CA ILE C 221 11.45 20.23 1.18
C ILE C 221 10.80 19.61 -0.06
N PRO C 222 9.65 20.12 -0.50
CA PRO C 222 8.83 19.37 -1.46
C PRO C 222 9.41 19.33 -2.87
N THR C 223 10.23 20.31 -3.27
CA THR C 223 10.66 20.33 -4.68
C THR C 223 12.01 19.69 -4.92
N TYR C 224 12.52 18.88 -3.92
CA TYR C 224 13.59 17.95 -4.24
C TYR C 224 13.02 16.54 -4.27
N PRO C 225 13.65 15.64 -5.02
CA PRO C 225 13.01 14.31 -5.26
C PRO C 225 12.73 13.60 -3.95
N CYS C 226 11.52 13.03 -3.84
CA CYS C 226 11.05 12.35 -2.63
C CYS C 226 10.72 13.30 -1.50
N GLY C 227 10.85 14.63 -1.71
CA GLY C 227 10.33 15.57 -0.71
C GLY C 227 11.25 15.80 0.45
N CYS C 228 12.47 15.29 0.37
CA CYS C 228 13.41 15.49 1.45
C CYS C 228 14.84 15.39 0.93
N ILE C 229 15.74 15.92 1.74
CA ILE C 229 17.16 15.85 1.44
C ILE C 229 17.90 15.84 2.75
N GLY C 230 19.06 15.17 2.74
CA GLY C 230 19.83 15.02 3.95
C GLY C 230 21.05 15.91 4.01
N ILE C 231 21.55 16.06 5.24
CA ILE C 231 22.78 16.80 5.56
C ILE C 231 23.76 15.78 6.16
N LEU C 232 24.90 15.60 5.50
CA LEU C 232 26.04 14.85 6.07
C LEU C 232 26.76 15.78 7.04
N CYS C 233 26.87 15.40 8.31
CA CYS C 233 27.36 16.28 9.35
C CYS C 233 28.66 15.72 9.91
N CYS C 234 29.73 16.50 9.83
CA CYS C 234 31.11 16.01 10.06
C CYS C 234 31.73 16.85 11.16
N SER C 235 32.12 16.22 12.29
CA SER C 235 32.70 16.94 13.42
C SER C 235 34.07 16.36 13.77
N LYS C 236 35.05 17.23 14.06
CA LYS C 236 36.33 16.72 14.55
C LYS C 236 36.29 16.42 16.05
N THR C 237 35.33 16.97 16.78
CA THR C 237 35.09 16.70 18.18
C THR C 237 34.14 15.52 18.33
N ASP C 238 34.15 14.87 19.50
CA ASP C 238 33.19 13.78 19.63
C ASP C 238 31.79 14.23 20.07
N THR C 239 31.55 15.52 20.29
CA THR C 239 30.22 15.99 20.68
C THR C 239 29.26 16.09 19.50
N GLY C 240 29.79 16.27 18.30
CA GLY C 240 28.99 16.26 17.08
C GLY C 240 28.11 17.50 16.90
N LEU C 241 27.10 17.33 16.04
CA LEU C 241 26.34 18.49 15.54
C LEU C 241 24.86 18.49 15.93
N THR C 242 24.40 17.58 16.79
CA THR C 242 22.96 17.49 17.06
C THR C 242 22.44 18.47 18.13
N LYS C 243 23.32 19.09 18.91
CA LYS C 243 22.88 19.95 20.02
C LYS C 243 23.46 21.35 19.86
N PRO C 244 22.61 22.34 19.59
CA PRO C 244 23.11 23.70 19.43
C PRO C 244 23.67 24.25 20.73
N ASN C 245 24.69 25.10 20.59
CA ASN C 245 25.29 25.84 21.69
C ASN C 245 24.83 27.29 21.79
N LYS C 246 23.84 27.68 20.99
CA LYS C 246 23.32 29.04 20.98
C LYS C 246 21.95 28.96 20.33
N LYS C 247 21.14 30.00 20.56
CA LYS C 247 19.81 30.09 19.95
C LYS C 247 19.74 31.34 19.09
N LEU C 248 18.91 31.26 18.06
CA LEU C 248 18.81 32.33 17.07
C LEU C 248 17.56 33.16 17.39
N GLU C 249 17.74 34.13 18.31
CA GLU C 249 16.64 34.86 18.92
C GLU C 249 16.71 36.35 18.68
N SER C 250 17.84 36.85 18.22
CA SER C 250 18.04 38.28 17.98
C SER C 250 17.30 38.69 16.70
N LYS C 251 17.21 40.01 16.49
CA LYS C 251 16.44 40.54 15.38
C LYS C 251 16.96 40.08 14.02
N GLU C 252 18.25 39.76 13.89
CA GLU C 252 18.76 39.30 12.60
C GLU C 252 18.18 37.95 12.19
N PHE C 253 17.61 37.20 13.12
CA PHE C 253 17.01 35.91 12.82
C PHE C 253 15.49 35.93 12.94
N ALA C 254 14.88 37.12 12.99
CA ALA C 254 13.43 37.17 13.08
C ALA C 254 12.74 36.58 11.86
N ASP C 255 13.41 36.57 10.69
CA ASP C 255 12.78 36.08 9.48
C ASP C 255 12.85 34.56 9.28
N LEU C 256 13.39 33.79 10.23
CA LEU C 256 13.52 32.34 9.95
C LEU C 256 12.13 31.73 9.78
N LYS C 257 12.03 30.79 8.80
CA LYS C 257 10.77 30.15 8.47
C LYS C 257 10.81 28.66 8.68
N TYR C 258 11.98 28.08 8.95
CA TYR C 258 12.00 26.63 9.19
C TYR C 258 12.78 26.31 10.47
N TYR C 259 14.04 26.74 10.51
CA TYR C 259 14.92 26.36 11.60
C TYR C 259 14.45 26.92 12.93
N ASN C 260 14.56 26.12 13.99
CA ASN C 260 14.55 26.63 15.36
C ASN C 260 15.32 25.63 16.22
N TYR C 261 15.41 25.93 17.52
CA TYR C 261 16.24 25.16 18.43
C TYR C 261 15.78 23.69 18.52
N GLU C 262 14.48 23.45 18.60
CA GLU C 262 13.98 22.07 18.69
C GLU C 262 14.08 21.35 17.35
N ASN C 263 13.85 22.05 16.25
CA ASN C 263 13.92 21.42 14.93
C ASN C 263 15.32 20.95 14.60
N HIS C 264 16.31 21.67 15.11
CA HIS C 264 17.71 21.31 14.92
C HIS C 264 17.94 19.87 15.33
N SER C 265 17.59 19.55 16.58
CA SER C 265 17.86 18.18 17.06
C SER C 265 16.89 17.15 16.47
N ALA C 266 15.66 17.57 16.18
CA ALA C 266 14.66 16.62 15.65
C ALA C 266 15.09 16.12 14.29
N ALA C 267 15.82 16.93 13.53
CA ALA C 267 16.25 16.55 12.19
C ALA C 267 17.14 15.31 12.17
N PHE C 268 17.81 15.02 13.28
CA PHE C 268 18.70 13.88 13.32
C PHE C 268 18.01 12.62 13.78
N LYS C 269 16.71 12.68 14.02
CA LYS C 269 15.95 11.47 14.44
C LYS C 269 15.41 10.77 13.19
N LEU C 270 16.09 9.76 12.74
CA LEU C 270 15.95 9.20 11.41
C LEU C 270 15.02 7.99 11.44
N PRO C 271 14.44 7.65 10.29
CA PRO C 271 13.60 6.41 10.20
C PRO C 271 14.40 5.17 10.54
N ALA C 272 13.70 4.21 11.16
CA ALA C 272 14.35 2.96 11.58
C ALA C 272 15.15 2.30 10.45
N PHE C 273 14.62 2.26 9.22
CA PHE C 273 15.33 1.49 8.19
C PHE C 273 16.68 2.12 7.84
N LEU C 274 16.75 3.45 7.91
CA LEU C 274 17.99 4.14 7.60
C LEU C 274 19.00 3.91 8.72
N LEU C 275 18.55 3.91 9.96
CA LEU C 275 19.50 3.66 11.05
C LEU C 275 20.12 2.28 10.90
N LYS C 276 19.31 1.30 10.47
CA LYS C 276 19.83 -0.05 10.28
C LYS C 276 20.86 -0.10 9.15
N GLU C 277 20.63 0.69 8.08
CA GLU C 277 21.61 0.74 6.99
C GLU C 277 22.89 1.42 7.43
N ILE C 278 22.80 2.48 8.25
CA ILE C 278 23.99 3.20 8.72
C ILE C 278 24.82 2.33 9.64
N GLU C 279 24.16 1.41 10.38
CA GLU C 279 24.93 0.47 11.19
C GLU C 279 25.77 -0.48 10.35
N ASN C 280 25.45 -0.67 9.06
CA ASN C 280 26.17 -1.57 8.16
C ASN C 280 27.21 -0.85 7.29
N ILE C 281 27.70 0.31 7.72
CA ILE C 281 28.70 1.04 6.95
C ILE C 281 30.11 0.70 7.41
C1 GXQ D . -10.67 -36.73 -10.59
N1 GXQ D . -11.44 -36.75 -9.35
C2 GXQ D . -10.81 -35.37 -11.28
N2 GXQ D . -10.14 -32.90 -11.08
C3 GXQ D . -9.96 -34.26 -10.58
N3 GXQ D . -14.29 -29.18 -9.44
C4 GXQ D . -11.21 -32.16 -10.34
C5 GXQ D . -12.57 -32.30 -11.02
C6 GXQ D . -13.68 -31.38 -10.44
C7 GXQ D . -13.25 -29.92 -10.20
C8 GXQ D . -11.91 -29.85 -9.47
C9 GXQ D . -10.82 -30.69 -10.18
C10 GXQ D . -14.18 -27.71 -9.50
C11 GXQ D . -15.08 -27.33 -10.68
C12 GXQ D . -15.29 -25.87 -11.00
N13 GXQ D . -16.46 -25.39 -10.27
CS MTA E . -12.97 -23.97 -7.80
S5' MTA E . -14.46 -24.92 -7.24
C5' MTA E . -13.86 -26.08 -5.96
C4' MTA E . -13.75 -25.29 -4.59
O4' MTA E . -13.85 -26.15 -3.61
C2' MTA E . -12.01 -25.04 -2.96
O2' MTA E . -11.36 -23.93 -2.26
C3' MTA E . -12.36 -24.62 -4.41
O3' MTA E . -12.55 -23.24 -4.62
C1' MTA E . -13.21 -25.36 -2.42
N9 MTA E . -13.06 -26.20 -1.28
C8 MTA E . -12.10 -27.13 -1.13
N7 MTA E . -12.23 -27.66 0.08
C5 MTA E . -13.31 -27.06 0.68
C6 MTA E . -13.89 -27.24 1.93
N6 MTA E . -13.60 -28.07 3.01
N1 MTA E . -14.94 -26.49 2.30
C2 MTA E . -15.42 -25.58 1.44
N3 MTA E . -14.88 -25.40 0.19
C4 MTA E . -13.80 -26.15 -0.15
C2 1PG F . 7.00 -28.60 -26.77
C1 1PG F . 6.02 -28.87 -28.92
O1 1PG F . 6.46 -29.47 -27.74
O2 1PG F . 6.72 -28.91 -24.38
C3 1PG F . 6.06 -28.52 -25.55
C4 1PG F . 5.84 -29.27 -23.33
C5 1PG F . 5.62 -30.78 -23.39
O3 1PG F . 4.90 -31.18 -22.26
C6 1PG F . 5.15 -32.50 -21.88
C7 1PG F . 4.25 -32.89 -20.70
O4 1PG F . 4.90 -33.95 -20.05
C8 1PG F . 6.22 -33.62 -19.70
C9 1PG F . 6.80 -34.68 -18.76
O5 1PG F . 7.93 -34.14 -18.12
C10 1PG F . 8.62 -35.03 -17.27
C11 1PG F . 7.96 -35.08 -15.89
O6 1PG F . 8.55 -34.13 -15.04
C1 GOL G . -19.37 -25.05 -27.26
O1 GOL G . -20.11 -24.05 -27.93
C2 GOL G . -18.06 -25.32 -28.05
O2 GOL G . -17.29 -24.15 -28.22
C3 GOL G . -17.35 -26.36 -27.17
O3 GOL G . -16.10 -26.61 -27.73
C1 GXQ H . -3.47 4.61 3.05
N1 GXQ H . -4.08 3.54 3.83
C2 GXQ H . -4.42 5.29 2.07
N2 GXQ H . -4.64 7.61 3.03
C3 GXQ H . -5.35 6.39 2.61
N3 GXQ H . -3.27 12.03 -0.55
C4 GXQ H . -4.13 8.48 1.98
C5 GXQ H . -3.86 9.86 2.63
C6 GXQ H . -3.23 10.87 1.66
C7 GXQ H . -4.00 11.07 0.34
C8 GXQ H . -4.25 9.66 -0.24
C9 GXQ H . -4.97 8.71 0.73
C10 GXQ H . -3.57 13.40 -0.08
C11 GXQ H . -2.46 14.22 0.64
C12 GXQ H . -3.11 15.52 1.14
N13 GXQ H . -2.15 16.64 1.06
CS MTA I . -7.21 3.05 0.76
S5' MTA I . -7.43 3.65 2.47
C5' MTA I . -8.62 5.08 2.41
C4' MTA I . -10.08 4.47 2.44
O4' MTA I . -10.99 5.32 2.91
C2' MTA I . -11.98 4.66 0.97
O2' MTA I . -12.86 3.72 0.23
C3' MTA I . -10.54 4.08 1.01
O3' MTA I . -10.55 2.68 0.86
C1' MTA I . -12.33 4.79 2.24
N9 MTA I . -13.38 5.73 2.53
C8 MTA I . -13.57 6.92 1.88
N7 MTA I . -14.67 7.49 2.40
C5 MTA I . -15.11 6.68 3.40
C6 MTA I . -16.19 6.85 4.25
N6 MTA I . -17.14 7.89 4.33
N1 MTA I . -16.46 5.91 5.18
C2 MTA I . -15.66 4.81 5.28
N3 MTA I . -14.59 4.69 4.44
C4 MTA I . -14.31 5.61 3.50
C1 GOL J . 12.66 2.39 1.75
O1 GOL J . 13.12 2.95 0.51
C2 GOL J . 13.41 1.05 1.91
O2 GOL J . 13.17 0.20 0.86
C3 GOL J . 12.93 0.45 3.26
O3 GOL J . 13.72 -0.69 3.52
C2 1PG K . 10.52 10.04 -20.31
C1 1PG K . 12.60 9.70 -19.22
O1 1PG K . 11.84 10.50 -20.09
O2 1PG K . 8.28 10.79 -20.53
C3 1PG K . 9.61 11.23 -20.63
C4 1PG K . 7.32 11.80 -20.63
C5 1PG K . 5.93 11.20 -20.57
O3 1PG K . 5.49 11.24 -19.24
C6 1PG K . 5.59 12.51 -18.67
C7 1PG K . 4.93 12.44 -17.32
O4 1PG K . 4.88 13.73 -16.81
C8 1PG K . 3.88 14.50 -17.39
C9 1PG K . 3.66 15.72 -16.54
O5 1PG K . 2.59 16.34 -17.17
C10 1PG K . 2.83 16.53 -18.53
C11 1PG K . 1.94 17.69 -19.01
O6 1PG K . 0.62 17.39 -18.66
C1 GOL L . 3.08 -3.28 23.36
O1 GOL L . 2.49 -2.78 24.52
C2 GOL L . 4.19 -4.28 23.80
O2 GOL L . 4.17 -5.44 23.05
C3 GOL L . 5.51 -3.49 23.66
O3 GOL L . 6.56 -4.43 23.60
C1 GOL M . -6.76 26.94 2.21
O1 GOL M . -6.58 28.32 2.02
C2 GOL M . -5.40 26.27 1.96
O2 GOL M . -5.09 26.16 0.59
C3 GOL M . -4.38 27.11 2.67
O3 GOL M . -3.83 28.00 1.74
H11 GOL M . -7.08 26.71 3.10
H12 GOL M . -7.42 26.57 1.59
HO1 GOL M . -6.65 28.68 2.79
H2 GOL M . -5.40 25.37 2.31
HO2 GOL M . -5.83 26.23 0.16
H31 GOL M . -3.72 26.53 3.09
H32 GOL M . -4.80 27.59 3.41
HO3 GOL M . -3.28 27.54 1.27
C1 JFQ N . 20.56 25.04 -3.55
N1 JFQ N . 21.48 26.14 -3.21
C2 JFQ N . 20.92 24.19 -4.76
N2 JFQ N . 21.32 21.83 -3.75
C3 JFQ N . 21.91 23.00 -4.49
N3 JFQ N . 18.67 17.27 -6.30
C4 JFQ N . 20.42 20.89 -4.40
C5 JFQ N . 20.46 19.55 -3.65
C6 JFQ N . 19.54 18.47 -4.25
C7 JFQ N . 19.60 18.31 -5.77
C8 JFQ N . 19.59 19.65 -6.52
C9 JFQ N . 20.51 20.75 -5.92
CS MTA O . 22.80 26.11 -7.34
S5' MTA O . 23.84 25.67 -5.85
C5' MTA O . 24.91 24.23 -6.28
C4' MTA O . 26.16 24.80 -7.04
O4' MTA O . 27.15 23.86 -6.99
C2' MTA O . 27.13 24.24 -9.20
O2' MTA O . 27.64 25.04 -10.39
C3' MTA O . 25.88 24.99 -8.56
O3' MTA O . 25.79 26.38 -8.89
C1' MTA O . 28.04 24.24 -8.24
N9 MTA O . 29.11 23.25 -8.38
C8 MTA O . 28.97 22.04 -8.96
N7 MTA O . 30.17 21.40 -8.92
C5 MTA O . 31.00 22.26 -8.31
C6 MTA O . 32.34 22.13 -8.03
N6 MTA O . 33.18 21.06 -8.30
N1 MTA O . 32.98 23.13 -7.40
C2 MTA O . 32.37 24.27 -7.02
N3 MTA O . 31.02 24.40 -7.32
C4 MTA O . 30.38 23.39 -7.97
C1 GOL P . 6.19 29.67 4.09
O1 GOL P . 5.58 30.80 4.71
C2 GOL P . 5.14 29.00 3.16
O2 GOL P . 4.88 29.76 2.01
C3 GOL P . 5.79 27.65 2.74
O3 GOL P . 4.91 27.04 1.80
C1 GOL Q . 29.97 8.57 -4.16
O1 GOL Q . 30.79 7.40 -4.19
C2 GOL Q . 28.72 8.17 -4.99
O2 GOL Q . 27.89 7.24 -4.37
C3 GOL Q . 27.97 9.49 -5.39
O3 GOL Q . 26.72 9.04 -5.89
C1 GOL R . 8.03 15.51 -3.44
O1 GOL R . 7.18 16.48 -3.75
C2 GOL R . 7.57 14.15 -4.02
O2 GOL R . 8.12 13.15 -3.34
C3 GOL R . 8.06 14.07 -5.57
O3 GOL R . 9.46 14.02 -5.70
#